data_2W95
#
_entry.id   2W95
#
_cell.length_a   72.404
_cell.length_b   274.047
_cell.length_c   86.136
_cell.angle_alpha   90.00
_cell.angle_beta   90.00
_cell.angle_gamma   90.00
#
_symmetry.space_group_name_H-M   'C 2 2 21'
#
loop_
_entity.id
_entity.type
_entity.pdbx_description
1 polymer 'DISCOIDIN-1 SUBUNIT A'
2 non-polymer 2-acetamido-2-deoxy-beta-D-galactopyranose
3 non-polymer (4S)-2-METHYL-2,4-PENTANEDIOL
4 non-polymer 'SULFATE ION'
5 non-polymer 'CALCIUM ION'
6 non-polymer (4R)-2-METHYLPENTANE-2,4-DIOL
7 non-polymer 'NICKEL (II) ION'
8 water water
#
_entity_poly.entity_id   1
_entity_poly.type   'polypeptide(L)'
_entity_poly.pdbx_seq_one_letter_code
;AMSTQGLVQLLANAQCHLRTSTNYNGVHTQFNSALNYKNNGTNTIDGSEAWCSSIVDTNQYIVAGCEVPRTFMCVALQGR
GDADQWVTSYKIRYSLDNVSWFEYRNGAAVTGVTDRNTVVNHFFDTPIRARSIAIHPLTWNGHISLRCEFYTQPVQSSVT
QVGADIYTGDNCALNTGSGKREVVVPVKFQFEFATLPKVALNFDQIDCTDATNQTRIGVQPRNITTKGFDCVFYTWNENK
VYSLRADYIATALE
;
_entity_poly.pdbx_strand_id   A,B,C
#
# COMPACT_ATOMS: atom_id res chain seq x y z
N ALA A 1 4.44 15.85 -24.08
CA ALA A 1 4.15 14.38 -23.96
C ALA A 1 5.44 13.54 -23.97
N MET A 2 6.39 13.84 -24.84
CA MET A 2 7.65 13.09 -24.86
C MET A 2 8.45 13.23 -23.53
N SER A 3 8.50 14.43 -22.99
CA SER A 3 9.35 14.71 -21.85
C SER A 3 8.95 13.91 -20.58
N THR A 4 7.72 13.41 -20.54
CA THR A 4 7.24 12.64 -19.38
C THR A 4 6.89 11.19 -19.74
N GLN A 5 7.33 10.77 -20.92
CA GLN A 5 7.16 9.39 -21.41
C GLN A 5 7.57 8.39 -20.32
N GLY A 6 6.72 7.41 -20.05
CA GLY A 6 7.06 6.33 -19.12
C GLY A 6 6.75 6.64 -17.66
N LEU A 7 6.31 7.86 -17.38
CA LEU A 7 6.01 8.27 -16.02
C LEU A 7 4.54 8.08 -15.76
N VAL A 8 4.18 7.91 -14.48
CA VAL A 8 2.77 7.78 -14.11
C VAL A 8 2.11 9.19 -13.99
N GLN A 9 0.99 9.35 -14.69
CA GLN A 9 0.15 10.54 -14.62
C GLN A 9 -0.87 10.36 -13.50
N LEU A 10 -0.61 10.95 -12.34
CA LEU A 10 -1.34 10.62 -11.12
C LEU A 10 -2.83 10.93 -11.24
N LEU A 11 -3.15 12.15 -11.62
CA LEU A 11 -4.59 12.55 -11.71
C LEU A 11 -5.31 11.82 -12.82
N ALA A 12 -4.69 11.66 -13.99
CA ALA A 12 -5.29 10.95 -15.08
C ALA A 12 -5.63 9.50 -14.66
N ASN A 13 -4.77 8.92 -13.81
CA ASN A 13 -4.96 7.54 -13.39
C ASN A 13 -5.73 7.37 -12.10
N ALA A 14 -6.28 8.48 -11.58
CA ALA A 14 -7.04 8.49 -10.35
C ALA A 14 -6.26 7.85 -9.18
N GLN A 15 -4.95 8.14 -9.14
CA GLN A 15 -4.05 7.60 -8.13
C GLN A 15 -3.90 8.44 -6.86
N CYS A 16 -4.56 9.60 -6.77
CA CYS A 16 -4.48 10.40 -5.58
C CYS A 16 -5.85 10.92 -5.17
N HIS A 17 -6.02 11.22 -3.88
CA HIS A 17 -7.14 12.04 -3.40
C HIS A 17 -6.75 13.49 -3.63
N LEU A 18 -7.73 14.31 -4.03
CA LEU A 18 -7.46 15.75 -4.14
C LEU A 18 -8.32 16.54 -3.16
N ARG A 19 -7.67 17.39 -2.36
CA ARG A 19 -8.34 18.30 -1.44
C ARG A 19 -7.97 19.71 -1.82
N THR A 20 -8.94 20.60 -1.77
CA THR A 20 -8.71 22.02 -2.04
C THR A 20 -8.98 22.87 -0.86
N SER A 21 -8.32 24.02 -0.79
CA SER A 21 -8.58 25.03 0.21
C SER A 21 -10.03 25.52 0.14
N THR A 22 -10.44 25.94 -1.06
CA THR A 22 -11.81 26.41 -1.32
C THR A 22 -12.14 26.15 -2.78
N ASN A 23 -13.44 26.04 -3.12
CA ASN A 23 -13.94 25.89 -4.47
C ASN A 23 -14.97 27.01 -4.74
N TYR A 24 -14.81 27.71 -5.87
CA TYR A 24 -15.65 28.83 -6.22
C TYR A 24 -17.13 28.47 -6.03
N ASN A 25 -17.52 27.37 -6.63
CA ASN A 25 -18.80 26.68 -6.28
C ASN A 25 -18.70 25.23 -6.72
N GLY A 26 -19.82 24.52 -6.75
CA GLY A 26 -19.79 23.06 -6.98
C GLY A 26 -19.52 22.60 -8.39
N VAL A 27 -19.37 23.54 -9.33
CA VAL A 27 -18.96 23.21 -10.69
C VAL A 27 -17.62 23.87 -11.07
N HIS A 28 -16.87 24.24 -10.03
CA HIS A 28 -15.51 24.76 -10.19
C HIS A 28 -14.51 23.96 -9.30
N THR A 29 -14.82 22.69 -9.00
CA THR A 29 -14.08 21.93 -8.01
C THR A 29 -12.91 21.17 -8.60
N GLN A 30 -12.19 20.45 -7.74
CA GLN A 30 -11.14 19.57 -8.13
C GLN A 30 -11.61 18.48 -9.10
N PHE A 31 -12.93 18.25 -9.25
CA PHE A 31 -13.40 17.32 -10.25
C PHE A 31 -13.00 17.77 -11.68
N ASN A 32 -12.64 19.05 -11.79
CA ASN A 32 -12.40 19.69 -13.11
C ASN A 32 -10.89 20.03 -13.26
N SER A 33 -10.06 19.39 -12.43
CA SER A 33 -8.64 19.79 -12.29
C SER A 33 -7.65 19.09 -13.24
N ALA A 34 -8.03 17.99 -13.87
CA ALA A 34 -7.05 17.19 -14.65
C ALA A 34 -6.50 18.00 -15.82
N LEU A 35 -5.21 17.89 -16.07
CA LEU A 35 -4.62 18.46 -17.29
C LEU A 35 -5.49 18.14 -18.52
N ASN A 36 -5.77 19.17 -19.31
CA ASN A 36 -6.60 19.06 -20.51
C ASN A 36 -8.05 18.65 -20.33
N TYR A 37 -8.56 18.78 -19.10
CA TYR A 37 -9.98 18.61 -18.83
C TYR A 37 -10.76 19.61 -19.72
N LYS A 38 -11.76 19.14 -20.40
CA LYS A 38 -12.63 19.97 -21.22
C LYS A 38 -14.07 19.55 -20.94
N ASN A 39 -14.98 20.51 -20.95
CA ASN A 39 -16.34 20.17 -20.63
C ASN A 39 -17.28 20.62 -21.72
N ASN A 40 -18.57 20.75 -21.41
CA ASN A 40 -19.55 21.10 -22.41
C ASN A 40 -19.51 22.63 -22.66
N GLY A 41 -18.96 23.04 -23.81
CA GLY A 41 -18.83 24.46 -24.06
C GLY A 41 -20.12 25.13 -24.51
N THR A 42 -21.16 24.36 -24.77
CA THR A 42 -22.48 24.91 -25.11
C THR A 42 -23.42 25.13 -23.92
N ASN A 43 -23.07 24.59 -22.77
CA ASN A 43 -23.92 24.60 -21.59
C ASN A 43 -23.10 25.23 -20.50
N THR A 44 -23.59 26.27 -19.85
CA THR A 44 -22.86 26.93 -18.80
C THR A 44 -22.89 26.16 -17.47
N ILE A 45 -23.86 25.27 -17.31
CA ILE A 45 -24.17 24.73 -15.98
C ILE A 45 -23.11 23.77 -15.43
N ASP A 46 -22.28 23.22 -16.31
CA ASP A 46 -21.18 22.35 -15.86
C ASP A 46 -19.90 23.05 -15.42
N GLY A 47 -19.88 24.39 -15.44
CA GLY A 47 -18.78 25.13 -14.80
C GLY A 47 -17.50 25.32 -15.60
N SER A 48 -16.39 25.41 -14.87
CA SER A 48 -15.12 25.80 -15.41
C SER A 48 -14.28 24.63 -15.90
N GLU A 49 -13.41 24.90 -16.86
CA GLU A 49 -12.41 23.91 -17.28
C GLU A 49 -11.14 24.15 -16.45
N ALA A 50 -11.28 23.89 -15.14
CA ALA A 50 -10.28 24.19 -14.10
C ALA A 50 -10.90 23.97 -12.74
N TRP A 51 -10.04 23.71 -11.74
CA TRP A 51 -10.31 24.04 -10.37
C TRP A 51 -10.16 25.57 -10.23
N CYS A 52 -11.19 26.22 -9.66
CA CYS A 52 -11.11 27.63 -9.27
C CYS A 52 -11.45 27.85 -7.79
N SER A 53 -10.66 28.64 -7.11
CA SER A 53 -10.87 28.89 -5.68
C SER A 53 -12.04 29.83 -5.43
N SER A 54 -12.46 29.91 -4.18
CA SER A 54 -13.45 30.84 -3.70
C SER A 54 -12.81 32.10 -3.08
N ILE A 55 -11.83 31.89 -2.25
CA ILE A 55 -11.11 32.99 -1.65
C ILE A 55 -9.92 33.24 -2.59
N VAL A 56 -9.70 34.48 -2.97
CA VAL A 56 -8.58 34.85 -3.85
C VAL A 56 -7.49 35.56 -3.00
N ASP A 57 -6.51 34.77 -2.57
CA ASP A 57 -5.41 35.26 -1.75
C ASP A 57 -4.29 34.23 -1.89
N THR A 58 -3.22 34.43 -1.14
CA THR A 58 -2.03 33.63 -1.32
C THR A 58 -2.04 32.36 -0.48
N ASN A 59 -3.19 32.08 0.15
CA ASN A 59 -3.34 30.96 1.07
C ASN A 59 -4.11 29.77 0.47
N GLN A 60 -4.35 29.79 -0.83
CA GLN A 60 -5.07 28.73 -1.51
C GLN A 60 -4.17 27.59 -1.93
N TYR A 61 -4.74 26.41 -2.16
CA TYR A 61 -3.95 25.28 -2.57
C TYR A 61 -4.78 24.11 -3.04
N ILE A 62 -4.17 23.25 -3.83
CA ILE A 62 -4.71 21.94 -4.15
C ILE A 62 -3.65 20.92 -3.67
N VAL A 63 -4.08 19.93 -2.89
CA VAL A 63 -3.19 18.88 -2.35
C VAL A 63 -3.59 17.56 -3.00
N ALA A 64 -2.59 16.84 -3.49
CA ALA A 64 -2.73 15.52 -4.02
C ALA A 64 -2.13 14.54 -3.01
N GLY A 65 -2.90 13.58 -2.55
CA GLY A 65 -2.42 12.67 -1.52
C GLY A 65 -2.37 11.24 -1.99
N CYS A 66 -1.21 10.61 -1.82
CA CYS A 66 -0.99 9.20 -2.17
C CYS A 66 -0.64 8.45 -0.89
N GLU A 67 -1.23 7.27 -0.68
CA GLU A 67 -0.92 6.51 0.52
C GLU A 67 0.40 5.75 0.42
N VAL A 68 0.79 5.50 -0.82
CA VAL A 68 2.01 4.77 -1.13
C VAL A 68 3.05 5.78 -1.60
N PRO A 69 4.25 5.75 -1.01
CA PRO A 69 5.21 6.76 -1.38
C PRO A 69 5.61 6.71 -2.85
N ARG A 70 5.86 7.88 -3.42
CA ARG A 70 6.22 8.00 -4.85
C ARG A 70 7.44 8.88 -5.02
N THR A 71 8.11 8.72 -6.16
CA THR A 71 9.19 9.61 -6.60
C THR A 71 8.60 10.57 -7.63
N PHE A 72 8.33 11.77 -7.19
CA PHE A 72 7.74 12.82 -8.04
C PHE A 72 8.83 13.44 -8.88
N MET A 73 8.67 13.36 -10.18
CA MET A 73 9.62 13.91 -11.16
C MET A 73 9.29 15.34 -11.60
N CYS A 74 7.99 15.63 -11.74
CA CYS A 74 7.54 16.79 -12.46
C CYS A 74 6.12 17.17 -12.01
N VAL A 75 5.83 18.47 -12.08
CA VAL A 75 4.47 18.99 -11.92
C VAL A 75 4.19 19.77 -13.20
N ALA A 76 3.01 19.54 -13.80
CA ALA A 76 2.56 20.29 -15.01
C ALA A 76 1.43 21.21 -14.57
N LEU A 77 1.56 22.50 -14.94
CA LEU A 77 0.52 23.46 -14.70
C LEU A 77 -0.11 23.89 -16.03
N GLN A 78 -1.40 24.23 -16.01
CA GLN A 78 -2.13 24.68 -17.18
C GLN A 78 -3.18 25.67 -16.70
N GLY A 79 -3.55 26.62 -17.56
CA GLY A 79 -4.53 27.60 -17.18
C GLY A 79 -5.92 27.05 -17.33
N ARG A 80 -6.90 27.91 -17.12
CA ARG A 80 -8.31 27.56 -17.31
C ARG A 80 -8.69 27.50 -18.77
N GLY A 81 -9.36 26.44 -19.16
CA GLY A 81 -9.71 26.20 -20.57
C GLY A 81 -10.65 27.24 -21.21
N ASP A 82 -11.59 27.71 -20.42
CA ASP A 82 -12.75 28.45 -20.97
C ASP A 82 -12.78 29.92 -20.63
N ALA A 83 -11.80 30.41 -19.89
CA ALA A 83 -11.71 31.82 -19.57
C ALA A 83 -10.26 32.19 -19.33
N ASP A 84 -9.94 33.48 -19.45
CA ASP A 84 -8.55 34.00 -19.28
C ASP A 84 -8.09 34.10 -17.80
N GLN A 85 -7.95 32.93 -17.19
CA GLN A 85 -7.52 32.87 -15.82
C GLN A 85 -6.46 31.76 -15.73
N TRP A 86 -5.38 32.07 -15.04
CA TRP A 86 -4.26 31.13 -14.91
C TRP A 86 -3.33 31.57 -13.80
N VAL A 87 -2.57 30.59 -13.31
CA VAL A 87 -1.61 30.82 -12.25
C VAL A 87 -0.21 31.06 -12.84
N THR A 88 0.37 32.22 -12.53
CA THR A 88 1.62 32.62 -13.14
C THR A 88 2.87 32.24 -12.35
N SER A 89 2.72 32.00 -11.06
CA SER A 89 3.78 31.41 -10.26
C SER A 89 3.19 30.75 -9.01
N TYR A 90 3.90 29.76 -8.50
CA TYR A 90 3.38 29.00 -7.36
C TYR A 90 4.51 28.44 -6.56
N LYS A 91 4.22 28.05 -5.34
CA LYS A 91 5.20 27.25 -4.60
C LYS A 91 4.71 25.79 -4.44
N ILE A 92 5.65 24.88 -4.19
CA ILE A 92 5.35 23.46 -3.95
C ILE A 92 5.74 23.08 -2.55
N ARG A 93 4.84 22.38 -1.88
CA ARG A 93 5.12 21.84 -0.54
C ARG A 93 4.79 20.35 -0.58
N TYR A 94 5.45 19.55 0.29
CA TYR A 94 5.25 18.12 0.25
C TYR A 94 5.54 17.48 1.60
N SER A 95 5.12 16.21 1.75
CA SER A 95 5.39 15.45 2.95
C SER A 95 5.52 14.00 2.55
N LEU A 96 6.50 13.34 3.16
CA LEU A 96 6.65 11.90 3.06
C LEU A 96 5.92 11.14 4.17
N ASP A 97 6.07 11.59 5.41
CA ASP A 97 5.47 10.86 6.55
C ASP A 97 4.10 11.37 6.93
N ASN A 98 3.64 12.45 6.27
CA ASN A 98 2.37 13.09 6.56
C ASN A 98 2.26 13.66 7.97
N VAL A 99 3.41 13.92 8.59
CA VAL A 99 3.51 14.58 9.88
C VAL A 99 4.24 15.92 9.70
N SER A 100 5.43 15.84 9.12
CA SER A 100 6.22 17.03 8.79
C SER A 100 6.13 17.29 7.32
N TRP A 101 5.90 18.58 7.00
CA TRP A 101 5.86 19.12 5.64
C TRP A 101 7.08 20.01 5.38
N PHE A 102 7.49 20.07 4.13
CA PHE A 102 8.65 20.84 3.67
C PHE A 102 8.29 21.66 2.45
N GLU A 103 9.01 22.76 2.24
CA GLU A 103 8.81 23.58 1.08
C GLU A 103 9.91 23.36 0.05
N TYR A 104 9.55 23.00 -1.16
CA TYR A 104 10.45 22.90 -2.28
C TYR A 104 11.17 24.25 -2.41
N ARG A 105 12.49 24.22 -2.59
CA ARG A 105 13.26 25.43 -2.74
C ARG A 105 13.06 26.39 -1.59
N ASN A 106 12.74 25.86 -0.42
CA ASN A 106 12.53 26.67 0.76
C ASN A 106 11.42 27.70 0.54
N GLY A 107 10.55 27.41 -0.40
CA GLY A 107 9.38 28.25 -0.60
C GLY A 107 9.49 29.27 -1.69
N ALA A 108 10.62 29.28 -2.42
CA ALA A 108 10.75 30.07 -3.65
C ALA A 108 9.72 29.73 -4.70
N ALA A 109 9.37 30.76 -5.45
CA ALA A 109 8.36 30.65 -6.47
C ALA A 109 8.84 29.78 -7.59
N VAL A 110 7.94 29.03 -8.19
CA VAL A 110 8.18 28.22 -9.34
C VAL A 110 7.38 28.90 -10.47
N THR A 111 7.97 28.95 -11.65
CA THR A 111 7.32 29.57 -12.85
C THR A 111 6.10 28.80 -13.35
N GLY A 112 4.99 29.51 -13.43
CA GLY A 112 3.75 28.96 -13.92
C GLY A 112 3.49 29.22 -15.39
N VAL A 113 2.23 29.52 -15.71
CA VAL A 113 1.80 29.55 -17.11
C VAL A 113 1.52 30.98 -17.54
N THR A 114 1.24 31.18 -18.82
CA THR A 114 1.01 32.53 -19.36
C THR A 114 -0.21 32.63 -20.29
N ASP A 115 -1.01 31.57 -20.32
CA ASP A 115 -2.21 31.50 -21.16
C ASP A 115 -3.14 30.40 -20.67
N ARG A 116 -4.15 30.11 -21.46
CA ARG A 116 -5.17 29.14 -21.07
C ARG A 116 -4.70 27.70 -21.15
N ASN A 117 -4.05 27.33 -22.25
CA ASN A 117 -3.90 25.94 -22.58
C ASN A 117 -2.49 25.36 -22.70
N THR A 118 -1.50 26.25 -22.86
CA THR A 118 -0.11 25.81 -23.03
C THR A 118 0.46 25.34 -21.67
N VAL A 119 0.74 24.04 -21.62
CA VAL A 119 1.23 23.38 -20.40
C VAL A 119 2.66 23.82 -20.11
N VAL A 120 2.97 24.11 -18.85
CA VAL A 120 4.36 24.36 -18.44
C VAL A 120 4.75 23.29 -17.41
N ASN A 121 5.69 22.45 -17.82
CA ASN A 121 6.25 21.39 -16.99
C ASN A 121 7.36 21.94 -16.09
N HIS A 122 7.33 21.59 -14.82
CA HIS A 122 8.46 21.82 -13.96
C HIS A 122 9.00 20.50 -13.44
N PHE A 123 10.17 20.11 -13.95
CA PHE A 123 10.92 18.98 -13.34
C PHE A 123 11.66 19.48 -12.09
N PHE A 124 11.40 18.84 -10.96
CA PHE A 124 11.97 19.24 -9.69
C PHE A 124 13.50 19.18 -9.78
N ASP A 125 14.14 20.18 -9.17
CA ASP A 125 15.63 20.27 -9.17
C ASP A 125 16.22 18.88 -8.85
N THR A 126 15.72 18.26 -7.78
CA THR A 126 15.94 16.83 -7.48
C THR A 126 14.58 16.14 -7.32
N PRO A 127 14.44 14.91 -7.83
CA PRO A 127 13.16 14.21 -7.64
C PRO A 127 12.77 14.16 -6.16
N ILE A 128 11.47 14.29 -5.85
CA ILE A 128 10.97 14.35 -4.49
C ILE A 128 10.29 13.07 -4.07
N ARG A 129 10.78 12.45 -2.99
CA ARG A 129 10.13 11.29 -2.43
C ARG A 129 9.04 11.77 -1.47
N ALA A 130 7.78 11.45 -1.79
CA ALA A 130 6.66 11.98 -0.98
C ALA A 130 5.41 11.11 -1.05
N ARG A 131 4.53 11.33 -0.07
CA ARG A 131 3.15 10.80 -0.11
C ARG A 131 2.16 11.87 -0.60
N SER A 132 2.29 13.07 -0.05
CA SER A 132 1.37 14.20 -0.37
C SER A 132 2.19 15.42 -0.88
N ILE A 133 1.60 16.14 -1.83
CA ILE A 133 2.24 17.25 -2.48
C ILE A 133 1.14 18.29 -2.75
N ALA A 134 1.50 19.56 -2.60
CA ALA A 134 0.55 20.67 -2.76
C ALA A 134 1.09 21.77 -3.69
N ILE A 135 0.20 22.31 -4.51
CA ILE A 135 0.46 23.51 -5.35
C ILE A 135 -0.17 24.68 -4.61
N HIS A 136 0.64 25.68 -4.28
CA HIS A 136 0.22 26.84 -3.55
C HIS A 136 0.36 28.05 -4.50
N PRO A 137 -0.75 28.45 -5.17
CA PRO A 137 -0.60 29.64 -6.06
C PRO A 137 -0.10 30.88 -5.34
N LEU A 138 0.86 31.57 -5.98
CA LEU A 138 1.45 32.80 -5.46
C LEU A 138 1.05 34.04 -6.26
N THR A 139 0.97 33.90 -7.57
CA THR A 139 0.52 35.02 -8.42
C THR A 139 -0.37 34.46 -9.51
N TRP A 140 -1.31 35.27 -9.98
CA TRP A 140 -2.27 34.80 -10.94
C TRP A 140 -2.75 35.94 -11.86
N ASN A 141 -3.40 35.54 -12.94
CA ASN A 141 -4.04 36.44 -13.88
C ASN A 141 -5.54 36.14 -13.82
N GLY A 142 -6.33 37.14 -13.45
CA GLY A 142 -7.81 37.01 -13.45
C GLY A 142 -8.36 36.41 -12.18
N HIS A 143 -7.98 35.17 -11.88
CA HIS A 143 -8.49 34.41 -10.78
C HIS A 143 -7.55 33.23 -10.51
N ILE A 144 -7.66 32.63 -9.34
CA ILE A 144 -6.89 31.39 -9.02
C ILE A 144 -7.61 30.21 -9.63
N SER A 145 -7.18 29.83 -10.83
CA SER A 145 -7.78 28.79 -11.65
C SER A 145 -6.71 27.97 -12.36
N LEU A 146 -6.80 26.64 -12.28
CA LEU A 146 -5.76 25.81 -12.88
C LEU A 146 -6.23 24.39 -13.20
N ARG A 147 -5.49 23.75 -14.09
CA ARG A 147 -5.53 22.32 -14.31
C ARG A 147 -4.07 21.88 -14.07
N CYS A 148 -3.86 20.64 -13.67
CA CYS A 148 -2.50 20.22 -13.31
C CYS A 148 -2.31 18.73 -13.47
N GLU A 149 -1.06 18.29 -13.40
CA GLU A 149 -0.76 16.87 -13.35
C GLU A 149 0.55 16.72 -12.55
N PHE A 150 0.67 15.60 -11.86
CA PHE A 150 1.92 15.16 -11.23
C PHE A 150 2.42 13.91 -11.90
N TYR A 151 3.74 13.84 -12.17
CA TYR A 151 4.31 12.69 -12.85
C TYR A 151 5.29 12.01 -11.88
N THR A 152 5.07 10.73 -11.66
CA THR A 152 5.95 9.95 -10.80
C THR A 152 6.55 8.75 -11.53
N GLN A 153 7.61 8.21 -10.95
CA GLN A 153 8.13 6.95 -11.41
C GLN A 153 7.07 5.87 -11.17
N PRO A 154 7.00 4.87 -12.04
CA PRO A 154 6.14 3.72 -11.70
C PRO A 154 6.48 3.19 -10.32
N VAL A 155 5.47 2.69 -9.61
CA VAL A 155 5.69 2.08 -8.30
C VAL A 155 5.59 0.55 -8.47
N GLN A 156 6.27 -0.19 -7.60
CA GLN A 156 6.07 -1.63 -7.52
C GLN A 156 5.62 -1.94 -6.09
N SER A 157 4.71 -2.88 -6.00
CA SER A 157 4.11 -3.29 -4.76
C SER A 157 4.46 -4.78 -4.54
N SER A 158 4.83 -5.13 -3.33
CA SER A 158 5.09 -6.53 -2.99
C SER A 158 4.21 -6.88 -1.79
N VAL A 159 3.91 -8.17 -1.65
CA VAL A 159 3.26 -8.69 -0.45
C VAL A 159 4.13 -9.91 -0.01
N THR A 160 4.48 -9.92 1.27
CA THR A 160 5.38 -10.92 1.86
C THR A 160 4.73 -11.69 3.01
N GLN A 161 5.01 -13.00 3.07
CA GLN A 161 4.63 -13.82 4.18
C GLN A 161 5.90 -14.52 4.69
N VAL A 162 6.11 -14.42 6.00
CA VAL A 162 7.13 -15.19 6.71
C VAL A 162 6.49 -16.37 7.43
N GLY A 163 7.09 -17.55 7.28
CA GLY A 163 6.66 -18.70 8.11
C GLY A 163 7.87 -19.33 8.80
N ALA A 164 7.68 -19.78 10.03
CA ALA A 164 8.82 -20.20 10.82
C ALA A 164 8.76 -21.71 11.11
N ASP A 165 9.93 -22.30 11.20
CA ASP A 165 10.17 -23.56 11.93
C ASP A 165 9.56 -24.77 11.23
N ILE A 166 9.74 -24.82 9.91
CA ILE A 166 9.41 -25.98 9.15
C ILE A 166 10.48 -27.03 9.51
N TYR A 167 10.06 -28.22 9.95
CA TYR A 167 10.97 -29.15 10.59
C TYR A 167 10.86 -30.54 10.02
N THR A 168 12.01 -31.21 9.83
CA THR A 168 12.02 -32.62 9.45
C THR A 168 11.40 -33.59 10.49
N GLY A 169 11.39 -33.18 11.75
CA GLY A 169 11.17 -34.13 12.86
C GLY A 169 12.50 -34.69 13.37
N ASP A 170 12.55 -35.10 14.64
CA ASP A 170 13.78 -35.70 15.20
C ASP A 170 14.06 -37.06 14.56
N ASN A 171 15.33 -37.36 14.33
CA ASN A 171 15.73 -38.69 13.81
C ASN A 171 14.94 -39.01 12.57
N CYS A 172 14.97 -38.07 11.64
CA CYS A 172 14.13 -38.16 10.46
C CYS A 172 14.69 -39.19 9.48
N ALA A 173 13.97 -39.41 8.38
CA ALA A 173 14.44 -40.39 7.41
C ALA A 173 15.78 -40.11 6.76
N LEU A 174 16.27 -38.88 6.83
CA LEU A 174 17.59 -38.57 6.31
C LEU A 174 18.72 -39.19 7.19
N ASN A 175 18.35 -39.78 8.32
CA ASN A 175 19.33 -40.25 9.29
C ASN A 175 19.70 -41.72 9.05
N THR A 176 19.21 -42.26 7.94
CA THR A 176 19.50 -43.63 7.52
C THR A 176 19.65 -43.70 6.00
N GLY A 177 20.34 -44.72 5.51
CA GLY A 177 20.41 -44.91 4.06
C GLY A 177 21.54 -44.17 3.38
N SER A 178 21.60 -44.33 2.06
CA SER A 178 22.66 -43.82 1.20
C SER A 178 22.06 -43.18 -0.03
N GLY A 179 22.83 -42.30 -0.62
CA GLY A 179 22.46 -41.66 -1.88
C GLY A 179 21.53 -40.49 -1.62
N LYS A 180 21.03 -39.88 -2.68
CA LYS A 180 20.05 -38.78 -2.54
C LYS A 180 18.80 -39.23 -1.83
N ARG A 181 18.47 -38.50 -0.74
CA ARG A 181 17.31 -38.82 0.09
C ARG A 181 16.63 -37.47 0.46
N GLU A 182 15.32 -37.49 0.51
CA GLU A 182 14.50 -36.31 0.77
C GLU A 182 13.45 -36.59 1.84
N VAL A 183 13.14 -35.53 2.62
CA VAL A 183 12.00 -35.51 3.55
C VAL A 183 11.19 -34.27 3.14
N VAL A 184 9.93 -34.48 2.78
CA VAL A 184 9.12 -33.41 2.20
C VAL A 184 8.08 -32.99 3.21
N VAL A 185 8.02 -31.67 3.49
CA VAL A 185 7.08 -31.14 4.45
C VAL A 185 6.22 -30.10 3.72
N PRO A 186 4.96 -30.44 3.46
CA PRO A 186 4.07 -29.50 2.77
C PRO A 186 3.82 -28.28 3.61
N VAL A 187 3.89 -27.10 2.98
CA VAL A 187 3.69 -25.84 3.66
C VAL A 187 2.52 -25.12 2.98
N LYS A 188 1.54 -24.70 3.76
CA LYS A 188 0.47 -23.82 3.23
C LYS A 188 0.65 -22.39 3.78
N PHE A 189 0.63 -21.40 2.89
CA PHE A 189 0.70 -20.03 3.34
C PHE A 189 -0.55 -19.67 4.15
N GLN A 190 -0.38 -18.74 5.08
CA GLN A 190 -1.50 -18.25 5.89
C GLN A 190 -2.65 -17.77 5.02
N PHE A 191 -2.34 -17.06 3.94
CA PHE A 191 -3.34 -16.66 2.95
C PHE A 191 -2.79 -16.87 1.54
N GLU A 192 -3.69 -17.03 0.59
CA GLU A 192 -3.27 -17.26 -0.81
C GLU A 192 -2.78 -15.94 -1.45
N PHE A 193 -1.58 -15.96 -2.03
CA PHE A 193 -1.07 -14.82 -2.77
C PHE A 193 -1.91 -14.58 -4.04
N ALA A 194 -1.94 -13.32 -4.47
CA ALA A 194 -2.67 -12.92 -5.68
C ALA A 194 -1.97 -13.39 -6.93
N THR A 195 -0.66 -13.54 -6.86
CA THR A 195 0.18 -13.94 -7.99
C THR A 195 1.30 -14.85 -7.43
N LEU A 196 1.98 -15.58 -8.31
CA LEU A 196 2.97 -16.54 -7.87
C LEU A 196 4.11 -15.87 -7.06
N PRO A 197 4.40 -16.40 -5.84
CA PRO A 197 5.49 -15.82 -5.10
C PRO A 197 6.85 -16.46 -5.44
N LYS A 198 7.92 -15.75 -5.09
CA LYS A 198 9.25 -16.34 -5.00
C LYS A 198 9.54 -16.65 -3.54
N VAL A 199 10.31 -17.70 -3.27
CA VAL A 199 10.44 -18.20 -1.90
C VAL A 199 11.89 -18.41 -1.53
N ALA A 200 12.27 -17.79 -0.42
CA ALA A 200 13.56 -18.00 0.20
C ALA A 200 13.31 -18.99 1.33
N LEU A 201 14.19 -20.00 1.50
CA LEU A 201 13.95 -21.06 2.45
C LEU A 201 15.32 -21.50 2.97
N ASN A 202 15.60 -21.21 4.24
CA ASN A 202 16.97 -21.24 4.73
C ASN A 202 17.03 -21.87 6.11
N PHE A 203 18.22 -22.38 6.48
CA PHE A 203 18.35 -23.12 7.72
C PHE A 203 18.32 -22.25 8.96
N ASP A 204 17.68 -22.76 10.03
CA ASP A 204 17.85 -22.19 11.36
C ASP A 204 18.26 -23.26 12.40
N GLN A 205 18.18 -24.56 12.08
CA GLN A 205 18.69 -25.56 13.05
C GLN A 205 19.27 -26.75 12.27
N ILE A 206 20.48 -27.18 12.63
CA ILE A 206 21.17 -28.22 11.88
C ILE A 206 21.69 -29.26 12.88
N ASP A 207 21.36 -30.52 12.64
CA ASP A 207 21.74 -31.67 13.50
C ASP A 207 22.13 -32.82 12.55
N CYS A 208 23.41 -32.90 12.21
CA CYS A 208 23.88 -33.84 11.15
C CYS A 208 25.25 -34.47 11.42
N THR A 209 25.48 -35.60 10.77
CA THR A 209 26.73 -36.33 10.93
C THR A 209 27.55 -36.15 9.65
N ASP A 210 28.82 -35.80 9.77
CA ASP A 210 29.68 -35.76 8.62
C ASP A 210 29.93 -37.18 8.09
N ALA A 211 30.42 -37.23 6.86
CA ALA A 211 30.73 -38.48 6.16
C ALA A 211 32.11 -38.27 5.56
N THR A 212 33.08 -39.01 6.09
CA THR A 212 34.47 -38.71 5.76
C THR A 212 34.72 -37.19 5.79
N ASN A 213 34.30 -36.58 6.89
CA ASN A 213 34.54 -35.17 7.16
C ASN A 213 33.74 -34.18 6.29
N GLN A 214 32.86 -34.69 5.43
CA GLN A 214 32.05 -33.81 4.62
C GLN A 214 30.67 -33.61 5.22
N THR A 215 30.23 -32.35 5.28
CA THR A 215 28.83 -32.01 5.55
C THR A 215 28.11 -31.85 4.22
N ARG A 216 26.95 -32.48 4.09
CA ARG A 216 26.11 -32.38 2.90
C ARG A 216 24.66 -32.25 3.32
N ILE A 217 24.12 -31.02 3.23
CA ILE A 217 22.74 -30.78 3.64
C ILE A 217 22.14 -29.72 2.69
N GLY A 218 20.86 -29.85 2.43
CA GLY A 218 20.16 -28.84 1.66
C GLY A 218 18.70 -28.74 2.03
N VAL A 219 18.10 -27.60 1.67
CA VAL A 219 16.67 -27.41 1.75
C VAL A 219 16.23 -26.54 0.55
N GLN A 220 15.10 -26.88 -0.04
CA GLN A 220 14.64 -26.22 -1.26
C GLN A 220 13.14 -26.33 -1.40
N PRO A 221 12.49 -25.25 -1.87
CA PRO A 221 11.08 -25.37 -2.14
C PRO A 221 10.84 -26.12 -3.44
N ARG A 222 9.73 -26.80 -3.52
CA ARG A 222 9.29 -27.44 -4.77
C ARG A 222 7.78 -27.26 -4.97
N ASN A 223 7.34 -27.11 -6.21
CA ASN A 223 5.92 -26.98 -6.54
C ASN A 223 5.32 -25.73 -5.86
N ILE A 224 6.05 -24.64 -5.91
CA ILE A 224 5.54 -23.34 -5.42
C ILE A 224 4.27 -22.96 -6.22
N THR A 225 3.20 -22.65 -5.48
CA THR A 225 1.93 -22.16 -6.04
C THR A 225 1.54 -20.94 -5.23
N THR A 226 0.41 -20.30 -5.57
CA THR A 226 -0.04 -19.17 -4.80
C THR A 226 -0.49 -19.57 -3.40
N LYS A 227 -0.75 -20.87 -3.18
CA LYS A 227 -1.29 -21.38 -1.91
C LYS A 227 -0.24 -21.90 -0.92
N GLY A 228 0.91 -22.32 -1.43
CA GLY A 228 1.95 -22.93 -0.59
C GLY A 228 3.03 -23.58 -1.44
N PHE A 229 3.82 -24.46 -0.81
CA PHE A 229 4.94 -25.08 -1.49
C PHE A 229 5.34 -26.32 -0.70
N ASP A 230 6.18 -27.15 -1.32
CA ASP A 230 6.71 -28.32 -0.62
C ASP A 230 8.11 -27.97 -0.15
N CYS A 231 8.35 -28.09 1.15
CA CYS A 231 9.66 -27.82 1.73
C CYS A 231 10.44 -29.13 1.65
N VAL A 232 11.43 -29.19 0.78
CA VAL A 232 12.20 -30.42 0.59
C VAL A 232 13.55 -30.30 1.32
N PHE A 233 13.67 -31.08 2.39
CA PHE A 233 14.93 -31.26 3.06
C PHE A 233 15.65 -32.46 2.44
N TYR A 234 16.94 -32.35 2.27
CA TYR A 234 17.69 -33.45 1.61
C TYR A 234 19.15 -33.55 2.04
N THR A 235 19.69 -34.75 1.81
CA THR A 235 21.10 -35.01 1.92
C THR A 235 21.45 -36.00 0.79
N TRP A 236 22.73 -36.34 0.68
CA TRP A 236 23.18 -37.20 -0.38
C TRP A 236 24.47 -37.91 0.03
N ASN A 237 25.03 -38.69 -0.88
CA ASN A 237 26.21 -39.48 -0.53
C ASN A 237 25.90 -40.34 0.70
N GLU A 238 26.85 -40.58 1.62
CA GLU A 238 26.57 -41.47 2.76
C GLU A 238 26.17 -40.72 4.03
N ASN A 239 25.90 -39.43 3.89
CA ASN A 239 25.60 -38.62 5.08
C ASN A 239 24.33 -39.01 5.79
N LYS A 240 24.41 -38.95 7.12
CA LYS A 240 23.29 -39.21 7.97
C LYS A 240 22.89 -37.86 8.61
N VAL A 241 21.63 -37.48 8.43
CA VAL A 241 21.08 -36.22 8.95
C VAL A 241 19.94 -36.48 9.90
N TYR A 242 20.17 -36.18 11.18
CA TYR A 242 19.19 -36.41 12.23
C TYR A 242 17.96 -35.49 12.07
N SER A 243 18.23 -34.22 11.84
CA SER A 243 17.16 -33.26 11.65
C SER A 243 17.65 -31.97 11.01
N LEU A 244 16.72 -31.29 10.36
CA LEU A 244 16.97 -29.95 9.80
C LEU A 244 15.73 -29.09 9.99
N ARG A 245 15.95 -27.81 10.29
CA ARG A 245 14.84 -26.86 10.42
C ARG A 245 15.12 -25.63 9.56
N ALA A 246 14.03 -25.02 9.05
CA ALA A 246 14.16 -23.88 8.13
C ALA A 246 13.02 -22.88 8.38
N ASP A 247 13.29 -21.61 8.11
CA ASP A 247 12.21 -20.60 8.01
C ASP A 247 12.07 -20.19 6.55
N TYR A 248 10.87 -19.71 6.16
CA TYR A 248 10.65 -19.26 4.80
C TYR A 248 10.18 -17.81 4.72
N ILE A 249 10.52 -17.20 3.61
CA ILE A 249 10.07 -15.85 3.27
C ILE A 249 9.59 -15.92 1.83
N ALA A 250 8.28 -15.76 1.63
CA ALA A 250 7.66 -15.79 0.31
C ALA A 250 7.15 -14.40 -0.07
N THR A 251 7.45 -13.95 -1.29
CA THR A 251 7.06 -12.58 -1.69
C THR A 251 6.51 -12.61 -3.11
N ALA A 252 5.33 -11.99 -3.30
CA ALA A 252 4.67 -11.86 -4.61
C ALA A 252 4.67 -10.38 -4.99
N LEU A 253 4.84 -10.10 -6.27
CA LEU A 253 4.92 -8.75 -6.79
C LEU A 253 3.64 -8.37 -7.57
N GLU A 254 3.24 -7.11 -7.43
CA GLU A 254 2.19 -6.54 -8.29
C GLU A 254 0.90 -7.34 -8.20
N MET B 2 -25.13 -15.37 -2.72
CA MET B 2 -24.94 -14.11 -3.49
C MET B 2 -23.62 -14.19 -4.23
N SER B 3 -23.66 -13.75 -5.48
CA SER B 3 -22.55 -13.98 -6.39
C SER B 3 -21.27 -13.25 -6.02
N THR B 4 -21.38 -12.15 -5.28
CA THR B 4 -20.21 -11.35 -4.93
C THR B 4 -19.88 -11.48 -3.46
N GLN B 5 -20.42 -12.50 -2.80
CA GLN B 5 -20.14 -12.69 -1.40
C GLN B 5 -18.66 -12.87 -1.16
N GLY B 6 -18.13 -12.26 -0.09
CA GLY B 6 -16.71 -12.33 0.23
C GLY B 6 -15.79 -11.36 -0.49
N LEU B 7 -16.33 -10.62 -1.45
CA LEU B 7 -15.49 -9.68 -2.25
C LEU B 7 -15.59 -8.28 -1.68
N VAL B 8 -14.59 -7.49 -1.91
CA VAL B 8 -14.60 -6.10 -1.47
C VAL B 8 -15.40 -5.25 -2.47
N GLN B 9 -16.37 -4.51 -1.96
CA GLN B 9 -17.11 -3.47 -2.71
C GLN B 9 -16.29 -2.17 -2.62
N LEU B 10 -15.58 -1.84 -3.71
CA LEU B 10 -14.61 -0.74 -3.68
C LEU B 10 -15.25 0.61 -3.35
N LEU B 11 -16.28 0.99 -4.10
CA LEU B 11 -16.92 2.29 -3.87
C LEU B 11 -17.61 2.35 -2.52
N ALA B 12 -18.37 1.33 -2.17
CA ALA B 12 -19.00 1.30 -0.86
C ALA B 12 -17.98 1.53 0.24
N ASN B 13 -16.80 0.90 0.15
CA ASN B 13 -15.72 1.04 1.14
C ASN B 13 -14.77 2.23 1.00
N ALA B 14 -15.07 3.12 0.05
CA ALA B 14 -14.25 4.30 -0.19
C ALA B 14 -12.78 3.92 -0.45
N GLN B 15 -12.59 2.84 -1.23
CA GLN B 15 -11.24 2.33 -1.48
C GLN B 15 -10.58 2.90 -2.75
N CYS B 16 -11.29 3.68 -3.55
CA CYS B 16 -10.75 4.18 -4.81
C CYS B 16 -11.07 5.67 -4.97
N HIS B 17 -10.23 6.38 -5.72
CA HIS B 17 -10.54 7.71 -6.20
C HIS B 17 -11.36 7.57 -7.45
N LEU B 18 -12.30 8.49 -7.65
CA LEU B 18 -13.17 8.44 -8.83
C LEU B 18 -13.00 9.73 -9.61
N ARG B 19 -12.61 9.60 -10.87
CA ARG B 19 -12.53 10.72 -11.81
C ARG B 19 -13.54 10.48 -12.94
N THR B 20 -14.23 11.52 -13.35
CA THR B 20 -15.15 11.45 -14.47
C THR B 20 -14.70 12.38 -15.60
N SER B 21 -15.17 12.07 -16.80
CA SER B 21 -14.92 12.85 -17.99
C SER B 21 -15.62 14.22 -17.82
N THR B 22 -16.93 14.18 -17.51
CA THR B 22 -17.72 15.40 -17.27
C THR B 22 -18.81 15.07 -16.30
N ASN B 23 -19.33 16.10 -15.62
CA ASN B 23 -20.46 15.99 -14.72
C ASN B 23 -21.50 17.04 -15.15
N TYR B 24 -22.73 16.58 -15.30
CA TYR B 24 -23.83 17.44 -15.74
C TYR B 24 -23.89 18.76 -14.97
N ASN B 25 -23.87 18.68 -13.63
CA ASN B 25 -23.57 19.80 -12.77
C ASN B 25 -23.10 19.29 -11.39
N GLY B 26 -23.04 20.18 -10.41
CA GLY B 26 -22.44 19.84 -9.13
C GLY B 26 -23.23 18.87 -8.24
N VAL B 27 -24.46 18.56 -8.64
CA VAL B 27 -25.30 17.54 -7.95
C VAL B 27 -25.58 16.34 -8.82
N HIS B 28 -24.76 16.15 -9.87
CA HIS B 28 -24.84 14.94 -10.72
C HIS B 28 -23.44 14.29 -10.85
N THR B 29 -22.63 14.45 -9.84
CA THR B 29 -21.25 14.02 -9.91
C THR B 29 -21.03 12.58 -9.44
N GLN B 30 -19.74 12.17 -9.46
CA GLN B 30 -19.38 10.86 -8.92
C GLN B 30 -19.69 10.67 -7.42
N PHE B 31 -19.96 11.75 -6.68
CA PHE B 31 -20.41 11.62 -5.28
C PHE B 31 -21.71 10.81 -5.21
N ASN B 32 -22.44 10.78 -6.32
CA ASN B 32 -23.72 10.07 -6.40
C ASN B 32 -23.70 8.73 -7.14
N SER B 33 -22.51 8.14 -7.29
CA SER B 33 -22.27 7.01 -8.21
C SER B 33 -22.38 5.64 -7.58
N ALA B 34 -22.42 5.55 -6.27
CA ALA B 34 -22.35 4.20 -5.62
C ALA B 34 -23.61 3.40 -5.94
N LEU B 35 -23.43 2.12 -6.15
CA LEU B 35 -24.56 1.24 -6.34
C LEU B 35 -25.61 1.46 -5.23
N ASN B 36 -26.89 1.54 -5.61
CA ASN B 36 -28.00 1.74 -4.66
C ASN B 36 -28.00 3.08 -3.93
N TYR B 37 -27.21 4.03 -4.42
CA TYR B 37 -27.25 5.38 -3.86
C TYR B 37 -28.66 5.97 -4.01
N LYS B 38 -29.15 6.55 -2.92
CA LYS B 38 -30.48 7.19 -2.93
C LYS B 38 -30.39 8.49 -2.17
N ASN B 39 -31.17 9.46 -2.62
CA ASN B 39 -31.06 10.76 -2.03
C ASN B 39 -32.44 11.24 -1.60
N ASN B 40 -32.57 12.54 -1.38
CA ASN B 40 -33.79 13.10 -0.85
C ASN B 40 -34.74 13.23 -2.04
N GLY B 41 -35.74 12.36 -2.10
CA GLY B 41 -36.73 12.45 -3.19
C GLY B 41 -37.78 13.54 -3.04
N THR B 42 -37.79 14.29 -1.95
CA THR B 42 -38.76 15.41 -1.78
C THR B 42 -38.12 16.78 -2.05
N ASN B 43 -36.83 16.76 -2.35
CA ASN B 43 -36.10 18.00 -2.57
C ASN B 43 -35.30 17.79 -3.86
N THR B 44 -35.48 18.65 -4.85
CA THR B 44 -34.75 18.53 -6.12
C THR B 44 -33.29 18.97 -6.06
N ILE B 45 -32.93 19.73 -5.02
CA ILE B 45 -31.65 20.42 -5.00
C ILE B 45 -30.43 19.52 -4.85
N ASP B 46 -30.65 18.33 -4.31
CA ASP B 46 -29.53 17.37 -4.14
C ASP B 46 -29.28 16.51 -5.39
N GLY B 47 -30.00 16.75 -6.49
CA GLY B 47 -29.67 16.18 -7.81
C GLY B 47 -30.06 14.71 -8.05
N SER B 48 -29.24 14.04 -8.83
CA SER B 48 -29.58 12.77 -9.42
C SER B 48 -29.15 11.58 -8.53
N GLU B 49 -29.86 10.46 -8.64
CA GLU B 49 -29.38 9.21 -8.07
C GLU B 49 -28.52 8.44 -9.08
N ALA B 50 -27.39 9.08 -9.46
CA ALA B 50 -26.48 8.58 -10.46
C ALA B 50 -25.39 9.64 -10.66
N TRP B 51 -24.27 9.20 -11.22
CA TRP B 51 -23.35 10.11 -11.92
C TRP B 51 -23.95 10.29 -13.30
N CYS B 52 -24.10 11.54 -13.75
CA CYS B 52 -24.58 11.88 -15.09
C CYS B 52 -23.56 12.79 -15.78
N SER B 53 -23.23 12.48 -17.05
CA SER B 53 -22.30 13.26 -17.81
C SER B 53 -22.87 14.62 -18.26
N SER B 54 -21.99 15.55 -18.62
CA SER B 54 -22.41 16.81 -19.24
C SER B 54 -22.53 16.67 -20.76
N ILE B 55 -21.54 16.08 -21.37
CA ILE B 55 -21.50 15.78 -22.81
C ILE B 55 -22.07 14.40 -23.06
N VAL B 56 -22.95 14.30 -24.04
CA VAL B 56 -23.59 13.03 -24.33
C VAL B 56 -23.01 12.58 -25.67
N ASP B 57 -21.98 11.74 -25.57
CA ASP B 57 -21.33 11.13 -26.71
C ASP B 57 -20.67 9.80 -26.27
N THR B 58 -19.93 9.15 -27.16
CA THR B 58 -19.34 7.84 -26.83
C THR B 58 -17.94 8.01 -26.25
N ASN B 59 -17.64 9.18 -25.70
CA ASN B 59 -16.30 9.47 -25.14
C ASN B 59 -16.26 9.73 -23.62
N GLN B 60 -17.36 9.45 -22.95
CA GLN B 60 -17.47 9.73 -21.53
C GLN B 60 -16.94 8.50 -20.77
N TYR B 61 -16.60 8.69 -19.50
CA TYR B 61 -16.14 7.57 -18.66
C TYR B 61 -16.12 7.95 -17.22
N ILE B 62 -16.13 6.94 -16.35
CA ILE B 62 -15.78 7.10 -14.96
C ILE B 62 -14.61 6.14 -14.66
N VAL B 63 -13.52 6.67 -14.09
CA VAL B 63 -12.32 5.92 -13.74
C VAL B 63 -12.25 5.78 -12.24
N ALA B 64 -12.01 4.55 -11.81
CA ALA B 64 -11.78 4.20 -10.42
C ALA B 64 -10.30 3.87 -10.26
N GLY B 65 -9.62 4.52 -9.33
CA GLY B 65 -8.21 4.28 -9.15
C GLY B 65 -7.86 3.80 -7.76
N CYS B 66 -7.07 2.72 -7.71
CA CYS B 66 -6.50 2.20 -6.47
C CYS B 66 -4.98 2.21 -6.56
N GLU B 67 -4.32 2.58 -5.47
CA GLU B 67 -2.85 2.57 -5.44
C GLU B 67 -2.31 1.17 -5.18
N VAL B 68 -3.15 0.35 -4.58
CA VAL B 68 -2.79 -1.03 -4.25
C VAL B 68 -3.40 -1.94 -5.32
N PRO B 69 -2.56 -2.72 -6.03
CA PRO B 69 -3.16 -3.59 -7.03
C PRO B 69 -4.21 -4.51 -6.47
N ARG B 70 -5.26 -4.71 -7.25
CA ARG B 70 -6.35 -5.60 -6.97
C ARG B 70 -6.61 -6.58 -8.11
N THR B 71 -7.30 -7.64 -7.74
CA THR B 71 -7.89 -8.59 -8.63
C THR B 71 -9.39 -8.33 -8.73
N PHE B 72 -9.76 -7.70 -9.85
CA PHE B 72 -11.12 -7.32 -10.20
C PHE B 72 -11.89 -8.55 -10.72
N MET B 73 -12.97 -8.89 -10.00
CA MET B 73 -13.78 -10.07 -10.32
C MET B 73 -15.01 -9.72 -11.17
N CYS B 74 -15.61 -8.55 -10.92
CA CYS B 74 -16.94 -8.21 -11.41
C CYS B 74 -17.09 -6.67 -11.40
N VAL B 75 -17.84 -6.14 -12.36
CA VAL B 75 -18.30 -4.75 -12.34
C VAL B 75 -19.82 -4.86 -12.42
N ALA B 76 -20.48 -4.13 -11.56
CA ALA B 76 -21.94 -4.07 -11.50
C ALA B 76 -22.33 -2.68 -12.04
N LEU B 77 -23.31 -2.67 -12.91
CA LEU B 77 -23.92 -1.46 -13.41
C LEU B 77 -25.37 -1.40 -12.97
N GLN B 78 -25.84 -0.16 -12.80
CA GLN B 78 -27.20 0.12 -12.44
C GLN B 78 -27.58 1.45 -13.10
N GLY B 79 -28.87 1.60 -13.39
CA GLY B 79 -29.40 2.86 -13.91
C GLY B 79 -29.52 3.97 -12.88
N ARG B 80 -30.09 5.10 -13.33
CA ARG B 80 -30.35 6.23 -12.48
C ARG B 80 -31.62 5.95 -11.72
N GLY B 81 -31.57 6.17 -10.41
CA GLY B 81 -32.66 5.85 -9.49
C GLY B 81 -33.95 6.69 -9.63
N ASP B 82 -33.80 7.94 -10.07
CA ASP B 82 -34.92 8.90 -10.01
C ASP B 82 -35.43 9.36 -11.36
N ALA B 83 -34.88 8.79 -12.44
CA ALA B 83 -35.33 9.06 -13.81
C ALA B 83 -34.94 7.95 -14.79
N ASP B 84 -35.64 7.89 -15.92
CA ASP B 84 -35.50 6.78 -16.85
C ASP B 84 -34.27 6.99 -17.74
N GLN B 85 -33.12 6.91 -17.11
CA GLN B 85 -31.83 7.07 -17.78
C GLN B 85 -30.92 5.93 -17.30
N TRP B 86 -30.29 5.25 -18.24
CA TRP B 86 -29.38 4.15 -17.93
C TRP B 86 -28.50 3.80 -19.10
N VAL B 87 -27.39 3.10 -18.79
CA VAL B 87 -26.41 2.75 -19.76
C VAL B 87 -26.64 1.29 -20.21
N THR B 88 -26.91 1.13 -21.50
CA THR B 88 -27.30 -0.18 -22.07
C THR B 88 -26.13 -1.05 -22.50
N SER B 89 -25.00 -0.44 -22.83
CA SER B 89 -23.78 -1.19 -23.02
C SER B 89 -22.58 -0.30 -22.82
N TYR B 90 -21.42 -0.91 -22.54
CA TYR B 90 -20.21 -0.13 -22.22
C TYR B 90 -18.99 -0.97 -22.52
N LYS B 91 -17.84 -0.34 -22.57
CA LYS B 91 -16.60 -1.08 -22.58
C LYS B 91 -15.79 -0.80 -21.34
N ILE B 92 -14.85 -1.68 -21.08
CA ILE B 92 -13.96 -1.58 -19.93
C ILE B 92 -12.52 -1.42 -20.35
N ARG B 93 -11.82 -0.48 -19.71
CA ARG B 93 -10.40 -0.34 -19.88
C ARG B 93 -9.74 -0.36 -18.49
N TYR B 94 -8.47 -0.75 -18.47
CA TYR B 94 -7.75 -0.88 -17.21
C TYR B 94 -6.25 -0.75 -17.35
N SER B 95 -5.60 -0.48 -16.22
CA SER B 95 -4.13 -0.40 -16.16
C SER B 95 -3.61 -0.97 -14.85
N LEU B 96 -2.55 -1.77 -14.94
CA LEU B 96 -1.83 -2.24 -13.74
C LEU B 96 -0.73 -1.31 -13.32
N ASP B 97 0.14 -0.90 -14.24
CA ASP B 97 1.24 -0.03 -13.88
C ASP B 97 0.95 1.48 -14.01
N ASN B 98 -0.26 1.81 -14.48
CA ASN B 98 -0.66 3.22 -14.62
C ASN B 98 0.20 3.98 -15.63
N VAL B 99 0.77 3.23 -16.57
CA VAL B 99 1.51 3.78 -17.73
C VAL B 99 0.86 3.27 -18.98
N SER B 100 0.79 1.97 -19.13
CA SER B 100 0.14 1.36 -20.25
C SER B 100 -1.26 0.96 -19.86
N TRP B 101 -2.21 1.22 -20.74
CA TRP B 101 -3.62 0.81 -20.56
C TRP B 101 -4.03 -0.21 -21.61
N PHE B 102 -5.00 -1.04 -21.22
CA PHE B 102 -5.55 -2.12 -22.01
C PHE B 102 -7.08 -2.08 -22.01
N GLU B 103 -7.66 -2.65 -23.06
CA GLU B 103 -9.08 -2.78 -23.17
C GLU B 103 -9.49 -4.21 -22.92
N TYR B 104 -10.46 -4.40 -22.04
CA TYR B 104 -11.14 -5.69 -21.90
C TYR B 104 -11.85 -6.12 -23.19
N ARG B 105 -11.74 -7.41 -23.54
CA ARG B 105 -12.30 -7.93 -24.79
C ARG B 105 -11.90 -7.11 -25.99
N ASN B 106 -10.71 -6.53 -25.92
CA ASN B 106 -10.17 -5.74 -27.03
C ASN B 106 -11.16 -4.62 -27.44
N GLY B 107 -11.89 -4.10 -26.46
CA GLY B 107 -12.79 -2.97 -26.71
C GLY B 107 -14.24 -3.32 -27.02
N ALA B 108 -14.56 -4.61 -27.03
CA ALA B 108 -15.88 -5.06 -27.36
C ALA B 108 -16.86 -4.65 -26.29
N ALA B 109 -18.13 -4.49 -26.69
CA ALA B 109 -19.19 -4.09 -25.75
C ALA B 109 -19.50 -5.15 -24.69
N VAL B 110 -19.85 -4.69 -23.49
CA VAL B 110 -20.31 -5.49 -22.37
C VAL B 110 -21.76 -5.07 -22.16
N THR B 111 -22.61 -6.05 -21.88
CA THR B 111 -24.02 -5.78 -21.65
C THR B 111 -24.27 -4.99 -20.40
N GLY B 112 -24.96 -3.86 -20.59
CA GLY B 112 -25.42 -3.03 -19.50
C GLY B 112 -26.79 -3.38 -18.94
N VAL B 113 -27.55 -2.35 -18.57
CA VAL B 113 -28.81 -2.53 -17.87
C VAL B 113 -29.99 -2.13 -18.76
N THR B 114 -31.20 -2.33 -18.24
CA THR B 114 -32.41 -2.15 -19.06
C THR B 114 -33.49 -1.38 -18.30
N ASP B 115 -33.14 -0.87 -17.13
CA ASP B 115 -34.08 -0.14 -16.28
C ASP B 115 -33.36 0.67 -15.22
N ARG B 116 -34.11 1.27 -14.28
CA ARG B 116 -33.52 2.19 -13.34
C ARG B 116 -32.67 1.49 -12.30
N ASN B 117 -33.21 0.38 -11.77
CA ASN B 117 -32.76 -0.17 -10.50
C ASN B 117 -32.24 -1.61 -10.50
N THR B 118 -32.47 -2.38 -11.53
CA THR B 118 -32.04 -3.78 -11.53
C THR B 118 -30.54 -3.86 -11.89
N VAL B 119 -29.76 -4.36 -10.97
CA VAL B 119 -28.32 -4.42 -11.13
C VAL B 119 -27.94 -5.50 -12.11
N VAL B 120 -27.02 -5.21 -13.03
CA VAL B 120 -26.48 -6.23 -13.90
C VAL B 120 -24.99 -6.43 -13.61
N ASN B 121 -24.67 -7.59 -13.07
CA ASN B 121 -23.30 -7.93 -12.74
C ASN B 121 -22.62 -8.52 -13.96
N HIS B 122 -21.43 -8.01 -14.26
CA HIS B 122 -20.58 -8.59 -15.24
C HIS B 122 -19.30 -9.15 -14.62
N PHE B 123 -19.19 -10.48 -14.58
CA PHE B 123 -17.93 -11.15 -14.10
C PHE B 123 -16.98 -11.23 -15.26
N PHE B 124 -15.79 -10.66 -15.10
CA PHE B 124 -14.87 -10.61 -16.20
C PHE B 124 -14.53 -12.03 -16.67
N ASP B 125 -14.41 -12.20 -17.97
CA ASP B 125 -14.08 -13.50 -18.59
C ASP B 125 -12.93 -14.18 -17.83
N THR B 126 -11.88 -13.42 -17.54
CA THR B 126 -10.82 -13.80 -16.60
C THR B 126 -10.68 -12.62 -15.64
N PRO B 127 -10.53 -12.87 -14.31
CA PRO B 127 -10.25 -11.75 -13.41
C PRO B 127 -9.08 -10.87 -13.88
N ILE B 128 -9.24 -9.57 -13.64
CA ILE B 128 -8.33 -8.60 -14.14
C ILE B 128 -7.47 -8.08 -12.99
N ARG B 129 -6.15 -8.18 -13.11
CA ARG B 129 -5.23 -7.57 -12.17
C ARG B 129 -4.90 -6.11 -12.56
N ALA B 130 -5.26 -5.14 -11.72
CA ALA B 130 -5.15 -3.74 -12.15
C ALA B 130 -5.09 -2.79 -10.96
N ARG B 131 -4.58 -1.57 -11.19
CA ARG B 131 -4.71 -0.48 -10.23
C ARG B 131 -5.91 0.41 -10.55
N SER B 132 -6.07 0.72 -11.83
CA SER B 132 -7.14 1.61 -12.26
C SER B 132 -7.99 0.92 -13.34
N ILE B 133 -9.28 1.24 -13.32
CA ILE B 133 -10.28 0.63 -14.18
C ILE B 133 -11.35 1.69 -14.53
N ALA B 134 -11.88 1.61 -15.75
CA ALA B 134 -12.80 2.63 -16.25
C ALA B 134 -13.98 2.01 -16.96
N ILE B 135 -15.18 2.52 -16.65
CA ILE B 135 -16.39 2.22 -17.40
C ILE B 135 -16.58 3.31 -18.47
N HIS B 136 -16.71 2.87 -19.73
CA HIS B 136 -16.87 3.76 -20.88
C HIS B 136 -18.20 3.48 -21.59
N PRO B 137 -19.24 4.26 -21.26
CA PRO B 137 -20.54 4.02 -21.87
C PRO B 137 -20.51 4.08 -23.41
N LEU B 138 -21.18 3.11 -24.03
CA LEU B 138 -21.23 3.01 -25.47
C LEU B 138 -22.62 3.31 -26.04
N THR B 139 -23.64 2.87 -25.31
CA THR B 139 -25.04 3.11 -25.68
C THR B 139 -25.83 3.33 -24.42
N TRP B 140 -26.93 4.11 -24.53
CA TRP B 140 -27.67 4.53 -23.37
C TRP B 140 -29.13 4.85 -23.72
N ASN B 141 -29.96 4.86 -22.69
CA ASN B 141 -31.34 5.30 -22.76
C ASN B 141 -31.44 6.63 -22.07
N GLY B 142 -31.87 7.66 -22.80
CA GLY B 142 -32.23 8.95 -22.21
C GLY B 142 -31.03 9.87 -22.01
N HIS B 143 -30.04 9.38 -21.29
CA HIS B 143 -28.83 10.14 -20.98
C HIS B 143 -27.76 9.16 -20.46
N ILE B 144 -26.51 9.62 -20.41
CA ILE B 144 -25.43 8.81 -19.83
C ILE B 144 -25.44 8.99 -18.32
N SER B 145 -26.10 8.08 -17.62
CA SER B 145 -26.38 8.18 -16.20
C SER B 145 -26.21 6.82 -15.58
N LEU B 146 -25.42 6.71 -14.52
CA LEU B 146 -25.22 5.39 -13.93
C LEU B 146 -24.88 5.40 -12.46
N ARG B 147 -25.10 4.24 -11.85
CA ARG B 147 -24.48 3.89 -10.57
C ARG B 147 -23.69 2.60 -10.80
N CYS B 148 -22.68 2.35 -9.98
CA CYS B 148 -21.80 1.18 -10.25
C CYS B 148 -21.10 0.71 -8.99
N GLU B 149 -20.49 -0.47 -9.11
CA GLU B 149 -19.61 -1.03 -8.10
C GLU B 149 -18.58 -1.92 -8.79
N PHE B 150 -17.40 -1.98 -8.21
CA PHE B 150 -16.35 -2.91 -8.62
C PHE B 150 -16.08 -3.81 -7.41
N TYR B 151 -15.95 -5.10 -7.69
CA TYR B 151 -15.79 -6.13 -6.65
C TYR B 151 -14.46 -6.81 -6.85
N THR B 152 -13.62 -6.75 -5.81
CA THR B 152 -12.25 -7.26 -5.88
C THR B 152 -12.03 -8.32 -4.80
N GLN B 153 -11.05 -9.18 -5.03
CA GLN B 153 -10.61 -10.05 -3.95
C GLN B 153 -10.12 -9.18 -2.82
N PRO B 154 -10.29 -9.66 -1.58
CA PRO B 154 -9.66 -9.00 -0.46
C PRO B 154 -8.17 -8.86 -0.70
N VAL B 155 -7.60 -7.75 -0.26
CA VAL B 155 -6.17 -7.53 -0.40
C VAL B 155 -5.58 -7.72 1.01
N GLN B 156 -4.30 -8.10 1.06
CA GLN B 156 -3.53 -8.13 2.29
C GLN B 156 -2.31 -7.25 2.14
N SER B 157 -1.99 -6.59 3.22
CA SER B 157 -0.89 -5.66 3.28
C SER B 157 0.13 -6.22 4.26
N SER B 158 1.40 -6.22 3.85
CA SER B 158 2.52 -6.55 4.73
C SER B 158 3.49 -5.43 4.84
N VAL B 159 4.24 -5.43 5.94
CA VAL B 159 5.37 -4.52 6.11
C VAL B 159 6.53 -5.39 6.59
N THR B 160 7.70 -5.24 5.97
CA THR B 160 8.84 -6.11 6.24
C THR B 160 10.06 -5.28 6.66
N GLN B 161 10.81 -5.78 7.64
CA GLN B 161 12.11 -5.23 8.02
C GLN B 161 13.14 -6.32 8.00
N VAL B 162 14.25 -6.03 7.34
CA VAL B 162 15.41 -6.87 7.27
C VAL B 162 16.44 -6.31 8.22
N GLY B 163 17.03 -7.21 9.02
CA GLY B 163 18.10 -6.83 9.94
C GLY B 163 19.28 -7.73 9.68
N ALA B 164 20.46 -7.15 9.51
CA ALA B 164 21.61 -7.94 9.09
C ALA B 164 22.59 -8.20 10.26
N ASP B 165 23.20 -9.37 10.23
CA ASP B 165 24.43 -9.64 10.98
C ASP B 165 24.29 -9.64 12.49
N ILE B 166 23.27 -10.27 13.03
CA ILE B 166 23.17 -10.46 14.47
C ILE B 166 24.23 -11.54 14.83
N TYR B 167 25.08 -11.25 15.82
CA TYR B 167 26.30 -12.05 16.00
C TYR B 167 26.55 -12.41 17.48
N THR B 168 26.99 -13.65 17.71
CA THR B 168 27.31 -14.13 19.06
C THR B 168 28.51 -13.41 19.66
N GLY B 169 29.39 -12.89 18.80
CA GLY B 169 30.76 -12.54 19.19
C GLY B 169 31.71 -13.71 18.93
N ASP B 170 32.99 -13.41 18.77
CA ASP B 170 34.04 -14.45 18.66
C ASP B 170 34.25 -15.22 19.96
N ASN B 171 34.49 -16.51 19.85
CA ASN B 171 34.78 -17.37 21.02
C ASN B 171 33.71 -17.15 22.09
N CYS B 172 32.46 -17.30 21.67
CA CYS B 172 31.35 -17.01 22.52
C CYS B 172 31.15 -18.10 23.59
N ALA B 173 30.20 -17.88 24.47
CA ALA B 173 29.96 -18.80 25.58
C ALA B 173 29.57 -20.21 25.10
N LEU B 174 29.14 -20.35 23.85
CA LEU B 174 28.80 -21.67 23.31
C LEU B 174 30.04 -22.53 23.04
N ASN B 175 31.23 -21.92 23.12
CA ASN B 175 32.49 -22.57 22.84
C ASN B 175 33.07 -23.26 24.09
N THR B 176 32.31 -23.32 25.16
CA THR B 176 32.69 -24.10 26.37
C THR B 176 31.47 -24.79 26.92
N GLY B 177 31.67 -25.86 27.71
CA GLY B 177 30.58 -26.48 28.44
C GLY B 177 29.88 -27.59 27.69
N SER B 178 28.89 -28.18 28.35
CA SER B 178 28.14 -29.32 27.84
C SER B 178 26.66 -29.12 28.13
N GLY B 179 25.83 -29.76 27.33
CA GLY B 179 24.41 -29.71 27.47
C GLY B 179 23.87 -28.51 26.70
N LYS B 180 22.56 -28.29 26.78
CA LYS B 180 21.95 -27.17 26.09
C LYS B 180 22.54 -25.86 26.59
N ARG B 181 23.01 -25.03 25.67
CA ARG B 181 23.59 -23.76 26.00
C ARG B 181 23.08 -22.73 25.02
N GLU B 182 22.82 -21.52 25.54
CA GLU B 182 22.33 -20.38 24.72
C GLU B 182 23.16 -19.12 24.90
N VAL B 183 23.26 -18.34 23.82
CA VAL B 183 23.75 -16.96 23.88
C VAL B 183 22.61 -16.08 23.33
N VAL B 184 22.16 -15.13 24.14
CA VAL B 184 20.99 -14.29 23.80
C VAL B 184 21.43 -12.90 23.40
N VAL B 185 21.07 -12.50 22.18
CA VAL B 185 21.35 -11.15 21.70
C VAL B 185 20.02 -10.41 21.45
N PRO B 186 19.68 -9.42 22.29
CA PRO B 186 18.44 -8.69 22.05
C PRO B 186 18.53 -7.87 20.75
N VAL B 187 17.40 -7.80 20.05
CA VAL B 187 17.33 -7.07 18.79
C VAL B 187 16.14 -6.11 18.88
N LYS B 188 16.36 -4.86 18.49
CA LYS B 188 15.31 -3.85 18.40
C LYS B 188 15.10 -3.53 16.91
N PHE B 189 13.87 -3.63 16.43
CA PHE B 189 13.63 -3.32 15.04
C PHE B 189 13.89 -1.82 14.82
N GLN B 190 14.25 -1.43 13.60
CA GLN B 190 14.45 0.00 13.29
C GLN B 190 13.22 0.85 13.66
N PHE B 191 12.03 0.32 13.42
CA PHE B 191 10.79 0.96 13.85
C PHE B 191 9.83 -0.09 14.40
N GLU B 192 8.91 0.34 15.26
CA GLU B 192 7.96 -0.54 15.90
C GLU B 192 6.90 -0.87 14.87
N PHE B 193 6.63 -2.18 14.70
CA PHE B 193 5.56 -2.66 13.80
C PHE B 193 4.18 -2.32 14.42
N ALA B 194 3.17 -2.17 13.56
CA ALA B 194 1.80 -1.85 13.97
C ALA B 194 1.09 -3.03 14.63
N THR B 195 1.47 -4.22 14.22
CA THR B 195 0.92 -5.44 14.77
C THR B 195 2.11 -6.42 14.92
N LEU B 196 1.84 -7.53 15.58
CA LEU B 196 2.90 -8.51 15.90
C LEU B 196 3.44 -9.17 14.64
N PRO B 197 4.76 -9.06 14.45
CA PRO B 197 5.36 -9.71 13.28
C PRO B 197 5.66 -11.19 13.46
N LYS B 198 5.88 -11.86 12.34
CA LYS B 198 6.55 -13.17 12.32
C LYS B 198 7.99 -12.96 11.86
N VAL B 199 8.90 -13.76 12.39
CA VAL B 199 10.33 -13.58 12.19
C VAL B 199 11.02 -14.84 11.66
N ALA B 200 11.67 -14.68 10.52
CA ALA B 200 12.63 -15.64 9.97
C ALA B 200 14.03 -15.23 10.42
N LEU B 201 14.81 -16.20 10.94
CA LEU B 201 16.11 -15.90 11.49
C LEU B 201 17.04 -17.09 11.12
N ASN B 202 17.94 -16.84 10.19
CA ASN B 202 18.68 -17.88 9.47
C ASN B 202 20.20 -17.59 9.36
N PHE B 203 21.01 -18.66 9.32
CA PHE B 203 22.44 -18.53 9.41
C PHE B 203 23.08 -17.84 8.19
N ASP B 204 24.04 -16.95 8.46
CA ASP B 204 24.94 -16.51 7.40
C ASP B 204 26.46 -16.75 7.71
N GLN B 205 26.82 -17.14 8.93
CA GLN B 205 28.23 -17.50 9.19
C GLN B 205 28.29 -18.48 10.33
N ILE B 206 28.97 -19.60 10.09
CA ILE B 206 29.03 -20.69 11.04
C ILE B 206 30.49 -21.04 11.31
N ASP B 207 30.84 -21.13 12.58
CA ASP B 207 32.23 -21.40 13.03
C ASP B 207 32.08 -22.34 14.26
N CYS B 208 32.11 -23.65 14.03
CA CYS B 208 31.75 -24.58 15.08
C CYS B 208 32.59 -25.86 15.00
N THR B 209 32.67 -26.56 16.13
CA THR B 209 33.35 -27.86 16.19
C THR B 209 32.37 -28.98 16.26
N ASP B 210 32.61 -30.06 15.51
CA ASP B 210 31.78 -31.25 15.64
C ASP B 210 32.07 -31.99 16.97
N ALA B 211 31.15 -32.86 17.37
CA ALA B 211 31.28 -33.71 18.55
C ALA B 211 30.89 -35.11 18.11
N THR B 212 31.90 -36.00 18.13
CA THR B 212 31.78 -37.34 17.57
C THR B 212 31.09 -37.25 16.20
N ASN B 213 31.66 -36.38 15.35
CA ASN B 213 31.25 -36.15 13.97
C ASN B 213 29.90 -35.46 13.80
N GLN B 214 29.25 -35.09 14.91
CA GLN B 214 27.95 -34.42 14.81
C GLN B 214 28.07 -32.90 14.83
N THR B 215 27.35 -32.24 13.92
CA THR B 215 27.14 -30.78 13.97
C THR B 215 25.81 -30.51 14.65
N ARG B 216 25.81 -29.65 15.66
CA ARG B 216 24.61 -29.29 16.39
C ARG B 216 24.57 -27.77 16.58
N ILE B 217 23.74 -27.06 15.81
CA ILE B 217 23.68 -25.59 15.92
C ILE B 217 22.25 -25.10 15.64
N GLY B 218 21.88 -24.00 16.26
CA GLY B 218 20.53 -23.47 16.05
C GLY B 218 20.50 -21.99 16.35
N VAL B 219 19.49 -21.32 15.79
CA VAL B 219 19.24 -19.92 16.11
C VAL B 219 17.73 -19.73 16.02
N GLN B 220 17.13 -19.04 16.99
CA GLN B 220 15.68 -18.93 17.03
C GLN B 220 15.31 -17.62 17.77
N PRO B 221 14.24 -16.93 17.31
CA PRO B 221 13.74 -15.78 18.06
C PRO B 221 12.95 -16.24 19.27
N ARG B 222 13.02 -15.46 20.33
CA ARG B 222 12.18 -15.65 21.48
C ARG B 222 11.59 -14.29 21.90
N ASN B 223 10.37 -14.31 22.44
CA ASN B 223 9.75 -13.11 22.99
C ASN B 223 9.61 -12.03 21.94
N ILE B 224 9.11 -12.44 20.77
CA ILE B 224 8.89 -11.47 19.65
C ILE B 224 7.79 -10.52 20.12
N THR B 225 8.02 -9.23 19.97
CA THR B 225 7.00 -8.18 20.22
C THR B 225 6.98 -7.28 18.98
N THR B 226 6.12 -6.25 18.98
CA THR B 226 6.15 -5.30 17.90
C THR B 226 7.44 -4.50 17.85
N LYS B 227 8.21 -4.47 18.95
CA LYS B 227 9.43 -3.67 19.03
C LYS B 227 10.75 -4.39 18.77
N GLY B 228 10.76 -5.70 18.90
CA GLY B 228 11.99 -6.47 18.73
C GLY B 228 11.79 -7.93 19.18
N PHE B 229 12.91 -8.58 19.39
CA PHE B 229 12.92 -9.94 19.84
C PHE B 229 14.30 -10.29 20.39
N ASP B 230 14.36 -11.43 21.04
CA ASP B 230 15.61 -11.98 21.52
C ASP B 230 16.13 -12.97 20.51
N CYS B 231 17.33 -12.70 19.99
CA CYS B 231 17.96 -13.65 19.09
C CYS B 231 18.70 -14.70 19.91
N VAL B 232 18.20 -15.93 19.92
CA VAL B 232 18.83 -17.00 20.73
C VAL B 232 19.68 -17.93 19.86
N PHE B 233 21.00 -17.85 20.02
CA PHE B 233 21.92 -18.79 19.39
C PHE B 233 22.17 -19.93 20.40
N TYR B 234 22.23 -21.17 19.92
CA TYR B 234 22.38 -22.26 20.83
C TYR B 234 23.08 -23.45 20.23
N THR B 235 23.56 -24.28 21.15
CA THR B 235 24.07 -25.63 20.81
C THR B 235 23.63 -26.56 21.95
N TRP B 236 23.98 -27.83 21.84
CA TRP B 236 23.65 -28.76 22.89
C TRP B 236 24.61 -29.95 22.84
N ASN B 237 24.40 -30.91 23.74
CA ASN B 237 25.32 -32.06 23.86
C ASN B 237 26.74 -31.53 24.10
N GLU B 238 27.77 -32.18 23.57
CA GLU B 238 29.16 -31.79 23.85
C GLU B 238 29.72 -30.76 22.86
N ASN B 239 28.89 -30.24 21.95
CA ASN B 239 29.42 -29.40 20.91
C ASN B 239 29.95 -28.08 21.41
N LYS B 240 31.02 -27.64 20.78
CA LYS B 240 31.60 -26.36 21.05
C LYS B 240 31.44 -25.51 19.82
N VAL B 241 30.84 -24.33 19.99
CA VAL B 241 30.58 -23.43 18.88
C VAL B 241 31.30 -22.10 19.10
N TYR B 242 32.25 -21.78 18.24
CA TYR B 242 33.07 -20.58 18.40
C TYR B 242 32.23 -19.30 18.18
N SER B 243 31.45 -19.33 17.10
CA SER B 243 30.57 -18.21 16.76
C SER B 243 29.47 -18.62 15.78
N LEU B 244 28.37 -17.86 15.84
CA LEU B 244 27.31 -17.97 14.84
C LEU B 244 26.83 -16.56 14.51
N ARG B 245 26.40 -16.37 13.25
CA ARG B 245 25.85 -15.10 12.77
C ARG B 245 24.58 -15.41 11.96
N ALA B 246 23.60 -14.53 12.06
CA ALA B 246 22.33 -14.72 11.40
C ALA B 246 21.83 -13.34 10.88
N ASP B 247 21.01 -13.41 9.84
CA ASP B 247 20.23 -12.25 9.38
C ASP B 247 18.76 -12.54 9.74
N TYR B 248 17.96 -11.50 9.97
CA TYR B 248 16.55 -11.74 10.15
C TYR B 248 15.68 -11.00 9.13
N ILE B 249 14.46 -11.51 9.02
CA ILE B 249 13.41 -10.93 8.17
C ILE B 249 12.15 -11.00 8.99
N ALA B 250 11.61 -9.84 9.31
CA ALA B 250 10.44 -9.75 10.16
C ALA B 250 9.32 -9.10 9.35
N THR B 251 8.16 -9.73 9.35
CA THR B 251 7.00 -9.22 8.58
C THR B 251 5.73 -9.17 9.43
N ALA B 252 5.03 -8.04 9.38
CA ALA B 252 3.73 -7.91 10.02
C ALA B 252 2.66 -7.74 8.94
N LEU B 253 1.50 -8.34 9.18
CA LEU B 253 0.37 -8.34 8.23
C LEU B 253 -0.74 -7.43 8.73
N GLU B 254 -1.40 -6.78 7.79
CA GLU B 254 -2.66 -6.08 8.08
C GLU B 254 -2.47 -4.99 9.12
N MET C 2 -1.50 19.97 21.09
CA MET C 2 -0.54 18.95 21.60
C MET C 2 -1.06 17.49 21.81
N SER C 3 -2.34 17.25 22.10
CA SER C 3 -2.81 15.86 22.30
C SER C 3 -2.56 14.91 21.13
N THR C 4 -2.57 15.42 19.90
CA THR C 4 -2.43 14.57 18.72
C THR C 4 -1.06 14.74 18.09
N GLN C 5 -0.13 15.24 18.90
CA GLN C 5 1.28 15.37 18.51
C GLN C 5 1.82 14.07 17.91
N GLY C 6 2.46 14.20 16.75
CA GLY C 6 3.12 13.07 16.10
C GLY C 6 2.22 12.20 15.25
N LEU C 7 0.92 12.45 15.32
CA LEU C 7 -0.03 11.69 14.55
C LEU C 7 -0.31 12.31 13.15
N VAL C 8 -0.77 11.48 12.25
CA VAL C 8 -1.11 11.85 10.87
C VAL C 8 -2.55 12.35 10.85
N GLN C 9 -2.72 13.56 10.34
CA GLN C 9 -4.03 14.16 10.09
C GLN C 9 -4.53 13.66 8.73
N LEU C 10 -5.39 12.66 8.72
CA LEU C 10 -5.73 11.96 7.50
C LEU C 10 -6.36 12.83 6.41
N LEU C 11 -7.44 13.54 6.73
CA LEU C 11 -8.07 14.41 5.73
C LEU C 11 -7.15 15.57 5.29
N ALA C 12 -6.45 16.17 6.23
CA ALA C 12 -5.59 17.34 5.92
C ALA C 12 -4.50 16.91 4.93
N ASN C 13 -4.04 15.65 5.08
CA ASN C 13 -3.01 15.13 4.18
C ASN C 13 -3.56 14.45 2.95
N ALA C 14 -4.88 14.47 2.76
CA ALA C 14 -5.53 13.90 1.57
C ALA C 14 -5.18 12.41 1.45
N GLN C 15 -5.19 11.72 2.58
CA GLN C 15 -4.78 10.33 2.64
C GLN C 15 -5.93 9.38 2.47
N CYS C 16 -7.17 9.88 2.44
CA CYS C 16 -8.34 9.01 2.30
C CYS C 16 -9.33 9.48 1.24
N HIS C 17 -10.08 8.55 0.66
CA HIS C 17 -11.26 8.90 -0.12
C HIS C 17 -12.42 9.14 0.86
N LEU C 18 -13.28 10.08 0.51
CA LEU C 18 -14.46 10.42 1.35
C LEU C 18 -15.73 10.18 0.57
N ARG C 19 -16.61 9.33 1.11
CA ARG C 19 -17.92 9.10 0.52
C ARG C 19 -19.00 9.47 1.55
N THR C 20 -20.03 10.12 1.10
CA THR C 20 -21.12 10.51 2.01
C THR C 20 -22.42 9.83 1.61
N SER C 21 -23.35 9.69 2.55
CA SER C 21 -24.66 9.16 2.24
C SER C 21 -25.47 10.09 1.33
N THR C 22 -25.50 11.37 1.68
CA THR C 22 -26.16 12.38 0.87
C THR C 22 -25.43 13.68 1.15
N ASN C 23 -25.54 14.60 0.19
CA ASN C 23 -25.04 15.96 0.31
C ASN C 23 -26.19 16.97 0.06
N TYR C 24 -26.34 17.98 0.91
CA TYR C 24 -27.45 18.96 0.80
C TYR C 24 -27.56 19.50 -0.60
N ASN C 25 -26.43 19.96 -1.14
CA ASN C 25 -26.25 20.16 -2.58
C ASN C 25 -24.75 20.19 -2.88
N GLY C 26 -24.38 20.69 -4.05
CA GLY C 26 -23.00 20.54 -4.52
C GLY C 26 -21.98 21.45 -3.85
N VAL C 27 -22.43 22.32 -2.94
CA VAL C 27 -21.55 23.20 -2.18
C VAL C 27 -21.67 22.92 -0.66
N HIS C 28 -22.21 21.74 -0.33
CA HIS C 28 -22.29 21.26 1.04
C HIS C 28 -21.68 19.87 1.12
N THR C 29 -20.74 19.55 0.22
CA THR C 29 -20.24 18.18 0.10
C THR C 29 -19.06 17.91 1.01
N GLN C 30 -18.53 16.69 0.91
CA GLN C 30 -17.33 16.35 1.61
C GLN C 30 -16.08 17.12 1.21
N PHE C 31 -16.15 17.88 0.11
CA PHE C 31 -15.08 18.85 -0.16
C PHE C 31 -14.86 19.90 0.95
N ASN C 32 -15.90 20.15 1.75
CA ASN C 32 -15.95 21.17 2.77
C ASN C 32 -15.89 20.60 4.21
N SER C 33 -15.40 19.35 4.33
CA SER C 33 -15.43 18.55 5.57
C SER C 33 -14.20 18.63 6.47
N ALA C 34 -13.09 19.17 5.99
CA ALA C 34 -11.87 19.15 6.82
C ALA C 34 -12.00 20.02 8.07
N LEU C 35 -11.37 19.57 9.17
CA LEU C 35 -11.38 20.31 10.39
C LEU C 35 -10.89 21.71 10.09
N ASN C 36 -11.57 22.70 10.64
CA ASN C 36 -11.23 24.10 10.44
C ASN C 36 -11.35 24.62 8.99
N TYR C 37 -11.96 23.84 8.10
CA TYR C 37 -12.32 24.37 6.77
C TYR C 37 -13.09 25.67 6.92
N LYS C 38 -12.67 26.69 6.18
CA LYS C 38 -13.34 27.98 6.13
C LYS C 38 -13.37 28.47 4.67
N ASN C 39 -14.44 29.17 4.30
CA ASN C 39 -14.58 29.61 2.94
C ASN C 39 -14.82 31.11 2.88
N ASN C 40 -15.34 31.56 1.75
CA ASN C 40 -15.48 32.99 1.52
C ASN C 40 -16.75 33.48 2.19
N GLY C 41 -16.60 34.21 3.26
CA GLY C 41 -17.77 34.59 4.07
C GLY C 41 -18.54 35.74 3.43
N THR C 42 -17.99 36.34 2.39
CA THR C 42 -18.66 37.43 1.64
C THR C 42 -19.59 36.98 0.50
N ASN C 43 -19.54 35.67 0.18
CA ASN C 43 -20.16 35.08 -0.97
C ASN C 43 -20.97 33.87 -0.48
N THR C 44 -22.21 33.73 -0.88
CA THR C 44 -23.02 32.56 -0.46
C THR C 44 -22.80 31.35 -1.35
N ILE C 45 -22.25 31.58 -2.56
CA ILE C 45 -22.30 30.57 -3.61
C ILE C 45 -21.36 29.38 -3.33
N ASP C 46 -20.40 29.59 -2.45
CA ASP C 46 -19.46 28.51 -2.11
C ASP C 46 -19.93 27.61 -0.96
N GLY C 47 -21.11 27.85 -0.40
CA GLY C 47 -21.77 26.90 0.48
C GLY C 47 -21.29 26.93 1.93
N SER C 48 -21.40 25.76 2.57
CA SER C 48 -21.26 25.62 4.00
C SER C 48 -19.82 25.34 4.43
N GLU C 49 -19.47 25.78 5.63
CA GLU C 49 -18.20 25.42 6.25
C GLU C 49 -18.42 24.11 7.03
N ALA C 50 -18.68 23.07 6.24
CA ALA C 50 -19.05 21.74 6.72
C ALA C 50 -19.55 20.87 5.57
N TRP C 51 -19.51 19.54 5.79
CA TRP C 51 -20.33 18.62 5.06
C TRP C 51 -21.71 18.67 5.71
N CYS C 52 -22.75 18.81 4.89
CA CYS C 52 -24.14 18.78 5.36
C CYS C 52 -24.98 17.78 4.54
N SER C 53 -25.75 16.92 5.22
CA SER C 53 -26.57 15.93 4.51
C SER C 53 -27.81 16.53 3.86
N SER C 54 -28.47 15.78 3.01
CA SER C 54 -29.72 16.26 2.46
C SER C 54 -30.89 15.63 3.16
N ILE C 55 -30.71 14.40 3.59
CA ILE C 55 -31.73 13.72 4.39
C ILE C 55 -31.31 13.88 5.82
N VAL C 56 -32.26 14.27 6.67
CA VAL C 56 -31.98 14.46 8.05
C VAL C 56 -32.64 13.34 8.80
N ASP C 57 -31.87 12.28 9.09
CA ASP C 57 -32.36 11.16 9.87
C ASP C 57 -31.14 10.50 10.52
N THR C 58 -31.32 9.35 11.19
CA THR C 58 -30.22 8.70 11.88
C THR C 58 -29.47 7.73 11.00
N ASN C 59 -29.67 7.83 9.70
CA ASN C 59 -28.99 6.94 8.71
C ASN C 59 -27.92 7.58 7.82
N GLN C 60 -27.48 8.78 8.16
CA GLN C 60 -26.47 9.50 7.38
C GLN C 60 -25.06 9.12 7.84
N TYR C 61 -24.07 9.37 7.00
CA TYR C 61 -22.72 9.07 7.38
C TYR C 61 -21.75 9.68 6.42
N ILE C 62 -20.54 9.85 6.91
CA ILE C 62 -19.36 10.14 6.06
C ILE C 62 -18.34 9.02 6.30
N VAL C 63 -17.84 8.43 5.23
CA VAL C 63 -16.88 7.35 5.39
C VAL C 63 -15.56 7.76 4.76
N ALA C 64 -14.47 7.52 5.49
CA ALA C 64 -13.11 7.74 5.00
C ALA C 64 -12.48 6.37 4.70
N GLY C 65 -11.93 6.19 3.50
CA GLY C 65 -11.34 4.91 3.10
C GLY C 65 -9.85 5.08 2.81
N CYS C 66 -9.04 4.24 3.44
CA CYS C 66 -7.64 4.11 3.16
C CYS C 66 -7.37 2.70 2.62
N GLU C 67 -6.56 2.59 1.59
CA GLU C 67 -6.17 1.28 1.06
C GLU C 67 -5.12 0.61 1.92
N VAL C 68 -4.38 1.44 2.64
CA VAL C 68 -3.31 0.94 3.53
C VAL C 68 -3.81 0.97 4.97
N PRO C 69 -3.80 -0.19 5.66
CA PRO C 69 -4.32 -0.15 7.03
C PRO C 69 -3.63 0.81 7.93
N ARG C 70 -4.40 1.41 8.84
CA ARG C 70 -3.87 2.33 9.78
C ARG C 70 -4.32 2.00 11.21
N THR C 71 -3.59 2.54 12.17
CA THR C 71 -4.01 2.54 13.57
C THR C 71 -4.61 3.92 13.93
N PHE C 72 -5.93 3.92 14.08
CA PHE C 72 -6.71 5.10 14.40
C PHE C 72 -6.70 5.34 15.88
N MET C 73 -6.15 6.49 16.26
CA MET C 73 -6.03 6.89 17.65
C MET C 73 -7.18 7.77 18.12
N CYS C 74 -7.65 8.64 17.23
CA CYS C 74 -8.55 9.72 17.62
C CYS C 74 -9.39 10.13 16.46
N VAL C 75 -10.64 10.51 16.74
CA VAL C 75 -11.50 11.20 15.78
C VAL C 75 -11.88 12.51 16.41
N ALA C 76 -11.72 13.60 15.67
CA ALA C 76 -12.09 14.95 16.13
C ALA C 76 -13.33 15.36 15.35
N LEU C 77 -14.32 15.88 16.07
CA LEU C 77 -15.48 16.48 15.48
C LEU C 77 -15.55 17.98 15.74
N GLN C 78 -16.23 18.67 14.84
CA GLN C 78 -16.36 20.10 14.89
C GLN C 78 -17.69 20.44 14.19
N GLY C 79 -18.31 21.51 14.65
CA GLY C 79 -19.53 21.99 14.05
C GLY C 79 -19.36 22.71 12.75
N ARG C 80 -20.49 23.20 12.21
CA ARG C 80 -20.46 24.01 10.98
C ARG C 80 -19.98 25.42 11.27
N GLY C 81 -19.05 25.92 10.47
CA GLY C 81 -18.42 27.19 10.80
C GLY C 81 -19.32 28.40 10.64
N ASP C 82 -20.26 28.35 9.70
CA ASP C 82 -21.00 29.56 9.26
C ASP C 82 -22.47 29.59 9.68
N ALA C 83 -22.93 28.58 10.42
CA ALA C 83 -24.31 28.52 10.90
C ALA C 83 -24.35 27.62 12.13
N ASP C 84 -25.37 27.80 12.95
CA ASP C 84 -25.49 27.05 14.22
C ASP C 84 -26.05 25.65 14.03
N GLN C 85 -25.25 24.81 13.37
CA GLN C 85 -25.55 23.43 13.17
C GLN C 85 -24.33 22.61 13.56
N TRP C 86 -24.57 21.49 14.24
CA TRP C 86 -23.51 20.63 14.73
C TRP C 86 -24.07 19.31 15.18
N VAL C 87 -23.20 18.33 15.25
CA VAL C 87 -23.56 16.96 15.60
C VAL C 87 -23.15 16.77 17.05
N THR C 88 -24.16 16.48 17.87
CA THR C 88 -23.99 16.35 19.31
C THR C 88 -23.54 14.99 19.82
N SER C 89 -23.82 13.96 19.04
CA SER C 89 -23.30 12.63 19.25
C SER C 89 -23.32 11.81 17.96
N TYR C 90 -22.48 10.78 17.93
CA TYR C 90 -22.37 9.95 16.74
C TYR C 90 -21.85 8.57 17.12
N LYS C 91 -22.08 7.59 16.26
CA LYS C 91 -21.37 6.31 16.37
C LYS C 91 -20.29 6.16 15.31
N ILE C 92 -19.38 5.24 15.59
CA ILE C 92 -18.25 4.96 14.70
C ILE C 92 -18.36 3.53 14.24
N ARG C 93 -18.30 3.32 12.93
CA ARG C 93 -18.18 1.98 12.37
C ARG C 93 -16.87 1.92 11.62
N TYR C 94 -16.37 0.70 11.42
CA TYR C 94 -15.05 0.53 10.78
C TYR C 94 -14.91 -0.86 10.15
N SER C 95 -13.96 -0.97 9.21
CA SER C 95 -13.62 -2.25 8.61
C SER C 95 -12.12 -2.29 8.34
N LEU C 96 -11.51 -3.43 8.63
CA LEU C 96 -10.13 -3.67 8.29
C LEU C 96 -10.01 -4.33 6.94
N ASP C 97 -10.80 -5.39 6.68
CA ASP C 97 -10.70 -6.12 5.40
C ASP C 97 -11.64 -5.62 4.28
N ASN C 98 -12.50 -4.66 4.61
CA ASN C 98 -13.44 -4.07 3.65
C ASN C 98 -14.47 -5.11 3.18
N VAL C 99 -14.64 -6.15 4.01
CA VAL C 99 -15.66 -7.16 3.78
C VAL C 99 -16.63 -7.16 4.95
N SER C 100 -16.12 -7.38 6.16
CA SER C 100 -16.87 -7.27 7.40
C SER C 100 -16.64 -5.93 8.10
N TRP C 101 -17.75 -5.34 8.55
CA TRP C 101 -17.74 -4.09 9.29
C TRP C 101 -18.10 -4.34 10.74
N PHE C 102 -17.54 -3.49 11.59
CA PHE C 102 -17.75 -3.53 13.03
C PHE C 102 -18.17 -2.18 13.59
N GLU C 103 -18.78 -2.19 14.76
CA GLU C 103 -19.10 -0.94 15.42
C GLU C 103 -18.29 -0.71 16.68
N TYR C 104 -17.68 0.46 16.78
CA TYR C 104 -17.07 0.91 18.03
C TYR C 104 -18.10 0.93 19.17
N ARG C 105 -17.70 0.41 20.32
CA ARG C 105 -18.55 0.33 21.51
C ARG C 105 -19.88 -0.34 21.22
N ASN C 106 -19.94 -1.28 20.30
CA ASN C 106 -21.07 -2.03 19.84
CA ASN C 106 -21.06 -2.03 19.84
C ASN C 106 -22.11 -1.04 19.35
N GLY C 107 -21.68 0.14 18.92
CA GLY C 107 -22.64 1.09 18.36
C GLY C 107 -23.06 2.19 19.29
N ALA C 108 -22.55 2.20 20.53
CA ALA C 108 -22.95 3.20 21.49
C ALA C 108 -22.45 4.57 21.07
N ALA C 109 -23.15 5.60 21.49
CA ALA C 109 -22.82 6.95 21.07
C ALA C 109 -21.47 7.41 21.60
N VAL C 110 -20.83 8.28 20.83
CA VAL C 110 -19.66 9.01 21.21
C VAL C 110 -20.08 10.47 21.34
N THR C 111 -19.52 11.18 22.31
CA THR C 111 -19.88 12.58 22.62
C THR C 111 -19.31 13.47 21.52
N GLY C 112 -20.20 14.23 20.89
CA GLY C 112 -19.84 15.21 19.90
C GLY C 112 -19.57 16.60 20.45
N VAL C 113 -20.06 17.62 19.73
CA VAL C 113 -19.73 18.99 20.02
C VAL C 113 -20.99 19.75 20.49
N THR C 114 -20.79 20.99 20.88
CA THR C 114 -21.83 21.81 21.48
C THR C 114 -21.87 23.22 20.91
N ASP C 115 -21.09 23.48 19.86
CA ASP C 115 -21.03 24.79 19.22
C ASP C 115 -20.47 24.67 17.79
N ARG C 116 -20.21 25.80 17.16
CA ARG C 116 -19.72 25.79 15.79
C ARG C 116 -18.28 25.34 15.65
N ASN C 117 -17.40 25.88 16.49
CA ASN C 117 -15.98 25.81 16.25
C ASN C 117 -15.09 25.08 17.26
N THR C 118 -15.57 24.85 18.46
CA THR C 118 -14.69 24.18 19.46
C THR C 118 -14.60 22.67 19.14
N VAL C 119 -13.40 22.22 18.81
CA VAL C 119 -13.19 20.82 18.41
C VAL C 119 -13.29 19.93 19.63
N VAL C 120 -13.97 18.79 19.48
CA VAL C 120 -13.94 17.77 20.51
C VAL C 120 -13.25 16.48 19.98
N ASN C 121 -12.10 16.15 20.58
CA ASN C 121 -11.33 14.96 20.25
C ASN C 121 -11.87 13.77 21.02
N HIS C 122 -12.04 12.67 20.33
CA HIS C 122 -12.36 11.43 20.99
C HIS C 122 -11.24 10.44 20.71
N PHE C 123 -10.46 10.13 21.74
CA PHE C 123 -9.47 9.08 21.66
C PHE C 123 -10.14 7.77 21.93
N PHE C 124 -10.08 6.87 20.96
CA PHE C 124 -10.76 5.59 21.07
C PHE C 124 -10.28 4.81 22.32
N ASP C 125 -11.23 4.17 22.97
CA ASP C 125 -10.98 3.44 24.24
C ASP C 125 -9.79 2.53 24.04
N THR C 126 -9.73 1.87 22.87
CA THR C 126 -8.51 1.21 22.40
C THR C 126 -8.32 1.58 20.91
N PRO C 127 -7.08 1.84 20.49
CA PRO C 127 -6.87 2.18 19.08
C PRO C 127 -7.45 1.15 18.09
N ILE C 128 -8.07 1.65 17.02
CA ILE C 128 -8.73 0.81 16.04
C ILE C 128 -7.84 0.56 14.82
N ARG C 129 -7.63 -0.72 14.47
CA ARG C 129 -6.88 -1.07 13.25
C ARG C 129 -7.91 -1.25 12.14
N ALA C 130 -7.83 -0.39 11.10
CA ALA C 130 -8.81 -0.37 10.02
C ALA C 130 -8.28 0.22 8.74
N ARG C 131 -8.99 -0.09 7.66
CA ARG C 131 -8.84 0.58 6.38
C ARG C 131 -9.86 1.67 6.23
N SER C 132 -11.12 1.37 6.51
CA SER C 132 -12.18 2.34 6.32
C SER C 132 -12.90 2.58 7.68
N ILE C 133 -13.33 3.83 7.91
CA ILE C 133 -13.95 4.25 9.16
C ILE C 133 -15.03 5.28 8.85
N ALA C 134 -16.15 5.24 9.59
CA ALA C 134 -17.30 6.08 9.24
C ALA C 134 -17.91 6.73 10.50
N ILE C 135 -18.25 8.02 10.39
CA ILE C 135 -18.96 8.77 11.39
C ILE C 135 -20.43 8.73 11.00
N HIS C 136 -21.27 8.21 11.91
CA HIS C 136 -22.69 8.07 11.75
C HIS C 136 -23.40 8.97 12.79
N PRO C 137 -23.79 10.20 12.37
CA PRO C 137 -24.44 11.09 13.30
C PRO C 137 -25.69 10.50 13.93
N LEU C 138 -25.80 10.68 15.25
CA LEU C 138 -26.95 10.17 15.99
C LEU C 138 -27.92 11.26 16.49
N THR C 139 -27.38 12.38 16.96
CA THR C 139 -28.16 13.52 17.42
C THR C 139 -27.43 14.78 16.93
N TRP C 140 -28.19 15.83 16.67
CA TRP C 140 -27.65 17.03 16.04
C TRP C 140 -28.47 18.23 16.52
N ASN C 141 -27.89 19.40 16.34
CA ASN C 141 -28.54 20.69 16.59
C ASN C 141 -28.69 21.35 15.24
N GLY C 142 -29.93 21.65 14.86
CA GLY C 142 -30.14 22.39 13.59
C GLY C 142 -30.16 21.56 12.33
N HIS C 143 -29.06 20.84 12.06
CA HIS C 143 -28.98 19.99 10.87
C HIS C 143 -27.77 19.08 11.08
N ILE C 144 -27.66 18.03 10.28
CA ILE C 144 -26.52 17.10 10.31
C ILE C 144 -25.42 17.79 9.48
N SER C 145 -24.54 18.49 10.18
CA SER C 145 -23.51 19.32 9.55
C SER C 145 -22.27 19.16 10.37
N LEU C 146 -21.11 18.92 9.75
CA LEU C 146 -19.86 18.70 10.51
C LEU C 146 -18.60 18.91 9.67
N ARG C 147 -17.53 19.11 10.41
CA ARG C 147 -16.15 19.05 9.92
C ARG C 147 -15.50 18.03 10.82
N CYS C 148 -14.47 17.34 10.33
CA CYS C 148 -13.86 16.26 11.11
C CYS C 148 -12.41 16.01 10.75
N GLU C 149 -11.75 15.23 11.58
CA GLU C 149 -10.43 14.69 11.23
C GLU C 149 -10.28 13.33 11.93
N PHE C 150 -9.45 12.48 11.31
CA PHE C 150 -9.03 11.22 11.92
C PHE C 150 -7.51 11.29 12.08
N TYR C 151 -7.01 10.81 13.22
CA TYR C 151 -5.57 10.87 13.54
C TYR C 151 -5.05 9.46 13.70
N THR C 152 -4.09 9.13 12.85
CA THR C 152 -3.49 7.80 12.84
C THR C 152 -2.03 7.83 13.22
N GLN C 153 -1.54 6.70 13.71
CA GLN C 153 -0.10 6.53 13.77
C GLN C 153 0.50 6.72 12.36
N PRO C 154 1.71 7.24 12.31
CA PRO C 154 2.35 7.20 10.99
C PRO C 154 2.47 5.78 10.44
N VAL C 155 2.37 5.62 9.13
CA VAL C 155 2.56 4.32 8.48
C VAL C 155 3.98 4.24 7.92
N GLN C 156 4.50 3.02 7.82
CA GLN C 156 5.73 2.79 7.08
C GLN C 156 5.43 1.79 5.94
N SER C 157 6.10 1.96 4.82
CA SER C 157 5.81 1.20 3.62
C SER C 157 7.14 0.50 3.28
N SER C 158 7.10 -0.78 2.98
CA SER C 158 8.28 -1.48 2.51
C SER C 158 8.02 -2.11 1.15
N VAL C 159 9.10 -2.35 0.39
CA VAL C 159 9.02 -3.18 -0.81
C VAL C 159 10.12 -4.25 -0.71
N THR C 160 9.75 -5.49 -0.99
CA THR C 160 10.67 -6.62 -0.79
C THR C 160 10.81 -7.40 -2.11
N GLN C 161 12.05 -7.84 -2.41
CA GLN C 161 12.29 -8.78 -3.48
C GLN C 161 13.04 -9.97 -2.87
N VAL C 162 12.56 -11.15 -3.21
CA VAL C 162 13.23 -12.41 -2.88
C VAL C 162 13.93 -12.94 -4.14
N GLY C 163 15.17 -13.42 -3.98
CA GLY C 163 15.84 -14.13 -5.06
C GLY C 163 16.40 -15.45 -4.55
N ALA C 164 16.27 -16.49 -5.35
CA ALA C 164 16.60 -17.84 -4.92
C ALA C 164 17.89 -18.35 -5.56
N ASP C 165 18.61 -19.14 -4.80
CA ASP C 165 19.59 -20.07 -5.34
C ASP C 165 20.86 -19.44 -5.95
N ILE C 166 21.42 -18.45 -5.29
CA ILE C 166 22.70 -17.91 -5.64
C ILE C 166 23.73 -18.99 -5.26
N TYR C 167 24.56 -19.40 -6.20
CA TYR C 167 25.40 -20.62 -6.01
C TYR C 167 26.88 -20.37 -6.34
N THR C 168 27.80 -20.91 -5.53
CA THR C 168 29.22 -20.84 -5.81
C THR C 168 29.62 -21.57 -7.10
N GLY C 169 28.83 -22.57 -7.47
CA GLY C 169 29.22 -23.56 -8.47
C GLY C 169 29.81 -24.78 -7.76
N ASP C 170 29.79 -25.92 -8.42
CA ASP C 170 30.46 -27.13 -7.90
C ASP C 170 31.98 -26.96 -7.80
N ASN C 171 32.58 -27.54 -6.77
CA ASN C 171 34.03 -27.57 -6.67
C ASN C 171 34.65 -26.19 -6.89
N CYS C 172 34.06 -25.23 -6.19
CA CYS C 172 34.42 -23.84 -6.35
C CYS C 172 35.79 -23.56 -5.78
N ALA C 173 36.25 -22.32 -5.96
CA ALA C 173 37.54 -21.87 -5.49
C ALA C 173 37.75 -21.97 -3.98
N LEU C 174 36.67 -22.09 -3.20
CA LEU C 174 36.81 -22.23 -1.76
C LEU C 174 37.28 -23.65 -1.42
N ASN C 175 37.32 -24.52 -2.41
CA ASN C 175 37.65 -25.95 -2.19
C ASN C 175 39.15 -26.25 -2.34
N THR C 176 39.97 -25.20 -2.45
CA THR C 176 41.42 -25.29 -2.60
C THR C 176 42.04 -24.11 -1.86
N GLY C 177 43.34 -24.18 -1.58
CA GLY C 177 44.05 -23.10 -0.92
C GLY C 177 43.77 -22.97 0.56
N SER C 178 44.28 -21.91 1.16
CA SER C 178 44.06 -21.71 2.56
C SER C 178 44.05 -20.24 2.90
N GLY C 179 43.66 -19.94 4.12
CA GLY C 179 43.44 -18.57 4.57
C GLY C 179 42.09 -18.10 4.05
N LYS C 180 41.79 -16.83 4.24
CA LYS C 180 40.55 -16.23 3.75
C LYS C 180 40.50 -16.34 2.24
N ARG C 181 39.39 -16.92 1.77
CA ARG C 181 39.12 -17.10 0.36
C ARG C 181 37.67 -16.72 0.08
N GLU C 182 37.42 -16.18 -1.11
CA GLU C 182 36.06 -15.73 -1.52
C GLU C 182 35.69 -16.30 -2.86
N VAL C 183 34.38 -16.48 -3.07
CA VAL C 183 33.79 -16.66 -4.40
C VAL C 183 32.67 -15.61 -4.51
N VAL C 184 32.83 -14.65 -5.43
CA VAL C 184 31.90 -13.52 -5.54
C VAL C 184 30.92 -13.79 -6.70
N VAL C 185 29.61 -13.72 -6.42
CA VAL C 185 28.61 -13.86 -7.47
C VAL C 185 27.76 -12.59 -7.55
N PRO C 186 27.88 -11.82 -8.66
CA PRO C 186 27.04 -10.62 -8.82
C PRO C 186 25.57 -11.00 -8.95
N VAL C 187 24.73 -10.20 -8.31
CA VAL C 187 23.30 -10.43 -8.30
C VAL C 187 22.64 -9.10 -8.70
N LYS C 188 21.68 -9.19 -9.60
CA LYS C 188 20.94 -8.03 -10.03
C LYS C 188 19.48 -8.24 -9.67
N PHE C 189 18.89 -7.28 -8.96
CA PHE C 189 17.47 -7.37 -8.61
C PHE C 189 16.61 -7.33 -9.87
N GLN C 190 15.48 -8.01 -9.80
CA GLN C 190 14.52 -8.02 -10.87
C GLN C 190 14.13 -6.59 -11.30
N PHE C 191 13.95 -5.72 -10.31
CA PHE C 191 13.71 -4.30 -10.60
C PHE C 191 14.51 -3.46 -9.63
N GLU C 192 14.81 -2.22 -10.03
CA GLU C 192 15.53 -1.31 -9.19
C GLU C 192 14.64 -0.77 -8.10
N PHE C 193 15.11 -0.80 -6.85
CA PHE C 193 14.42 -0.23 -5.71
C PHE C 193 14.46 1.30 -5.78
N ALA C 194 13.41 1.91 -5.27
CA ALA C 194 13.33 3.36 -5.14
C ALA C 194 14.34 3.96 -4.18
N THR C 195 14.67 3.23 -3.10
CA THR C 195 15.65 3.65 -2.11
C THR C 195 16.53 2.42 -1.78
N LEU C 196 17.65 2.65 -1.10
CA LEU C 196 18.65 1.60 -0.84
C LEU C 196 18.03 0.49 0.02
N PRO C 197 18.12 -0.76 -0.46
CA PRO C 197 17.57 -1.87 0.37
C PRO C 197 18.59 -2.36 1.42
N LYS C 198 18.09 -3.03 2.45
CA LYS C 198 18.89 -3.92 3.31
C LYS C 198 18.67 -5.36 2.82
N VAL C 199 19.70 -6.18 2.96
CA VAL C 199 19.75 -7.51 2.34
C VAL C 199 20.13 -8.59 3.36
N ALA C 200 19.22 -9.55 3.56
CA ALA C 200 19.49 -10.80 4.27
C ALA C 200 19.91 -11.85 3.23
N LEU C 201 20.91 -12.66 3.55
CA LEU C 201 21.46 -13.57 2.58
C LEU C 201 21.95 -14.79 3.40
N ASN C 202 21.27 -15.92 3.27
CA ASN C 202 21.42 -17.02 4.20
C ASN C 202 21.49 -18.33 3.48
N PHE C 203 22.08 -19.34 4.13
CA PHE C 203 22.36 -20.62 3.48
C PHE C 203 21.15 -21.48 3.24
N ASP C 204 21.09 -22.11 2.07
CA ASP C 204 20.17 -23.24 1.85
C ASP C 204 20.83 -24.55 1.40
N GLN C 205 22.11 -24.57 1.11
CA GLN C 205 22.80 -25.85 0.73
C GLN C 205 24.26 -25.73 1.08
N ILE C 206 24.75 -26.71 1.84
CA ILE C 206 26.10 -26.62 2.37
C ILE C 206 26.84 -27.93 2.02
N ASP C 207 27.98 -27.81 1.36
CA ASP C 207 28.81 -28.97 0.93
C ASP C 207 30.26 -28.61 1.24
N CYS C 208 30.73 -29.06 2.41
CA CYS C 208 32.02 -28.60 2.92
C CYS C 208 32.73 -29.65 3.77
N THR C 209 34.05 -29.50 3.87
CA THR C 209 34.92 -30.44 4.59
C THR C 209 35.39 -29.77 5.85
N ASP C 210 35.31 -30.47 6.98
CA ASP C 210 35.81 -29.88 8.21
C ASP C 210 37.35 -29.83 8.19
N ALA C 211 37.92 -29.00 9.05
CA ALA C 211 39.38 -28.90 9.25
C ALA C 211 39.68 -28.97 10.75
N THR C 212 40.39 -30.02 11.16
CA THR C 212 40.54 -30.33 12.58
C THR C 212 39.22 -30.15 13.30
N ASN C 213 38.20 -30.79 12.73
CA ASN C 213 36.83 -30.85 13.28
C ASN C 213 36.01 -29.54 13.24
N GLN C 214 36.58 -28.51 12.67
CA GLN C 214 35.92 -27.19 12.60
C GLN C 214 35.27 -26.96 11.26
N THR C 215 34.01 -26.52 11.30
CA THR C 215 33.31 -25.95 10.14
C THR C 215 33.49 -24.43 10.12
N ARG C 216 33.88 -23.87 8.97
CA ARG C 216 34.04 -22.43 8.80
C ARG C 216 33.45 -22.01 7.45
N ILE C 217 32.25 -21.42 7.48
CA ILE C 217 31.58 -21.01 6.23
C ILE C 217 30.88 -19.68 6.45
N GLY C 218 30.77 -18.89 5.39
CA GLY C 218 30.15 -17.57 5.47
C GLY C 218 29.61 -17.14 4.13
N VAL C 219 28.61 -16.27 4.18
CA VAL C 219 28.06 -15.61 3.00
C VAL C 219 27.61 -14.18 3.40
N GLN C 220 27.95 -13.18 2.59
CA GLN C 220 27.66 -11.80 2.95
C GLN C 220 27.50 -10.96 1.67
N PRO C 221 26.54 -10.01 1.69
CA PRO C 221 26.45 -9.05 0.60
C PRO C 221 27.55 -8.02 0.69
N ARG C 222 27.97 -7.55 -0.46
CA ARG C 222 28.89 -6.43 -0.56
C ARG C 222 28.43 -5.53 -1.71
N ASN C 223 28.71 -4.24 -1.60
CA ASN C 223 28.35 -3.27 -2.67
C ASN C 223 26.85 -3.29 -3.00
N ILE C 224 26.03 -3.26 -1.95
CA ILE C 224 24.57 -3.16 -2.12
C ILE C 224 24.25 -1.79 -2.74
N THR C 225 23.49 -1.84 -3.83
CA THR C 225 22.92 -0.65 -4.47
C THR C 225 21.42 -0.85 -4.63
N THR C 226 20.73 0.14 -5.22
CA THR C 226 19.33 -0.06 -5.53
C THR C 226 19.13 -1.11 -6.63
N LYS C 227 20.19 -1.43 -7.39
CA LYS C 227 20.06 -2.34 -8.53
C LYS C 227 20.46 -3.78 -8.25
N GLY C 228 21.28 -3.97 -7.24
CA GLY C 228 21.75 -5.33 -6.93
C GLY C 228 22.86 -5.32 -5.92
N PHE C 229 23.60 -6.43 -5.88
CA PHE C 229 24.69 -6.56 -4.91
C PHE C 229 25.62 -7.69 -5.33
N ASP C 230 26.76 -7.81 -4.65
CA ASP C 230 27.71 -8.92 -4.87
C ASP C 230 27.51 -9.91 -3.72
N CYS C 231 27.17 -11.14 -4.04
CA CYS C 231 27.02 -12.17 -3.03
C CYS C 231 28.40 -12.78 -2.80
N VAL C 232 28.96 -12.58 -1.59
CA VAL C 232 30.31 -13.04 -1.29
C VAL C 232 30.22 -14.30 -0.41
N PHE C 233 30.52 -15.43 -1.02
CA PHE C 233 30.67 -16.69 -0.28
C PHE C 233 32.13 -16.78 0.22
N TYR C 234 32.38 -17.30 1.41
CA TYR C 234 33.75 -17.35 1.89
C TYR C 234 34.01 -18.46 2.91
N THR C 235 35.31 -18.80 3.03
CA THR C 235 35.79 -19.61 4.11
C THR C 235 37.14 -19.04 4.55
N TRP C 236 37.72 -19.62 5.59
CA TRP C 236 38.99 -19.12 6.12
C TRP C 236 39.73 -20.29 6.75
N ASN C 237 40.93 -20.02 7.27
CA ASN C 237 41.78 -21.07 7.84
C ASN C 237 42.07 -22.13 6.75
N GLU C 238 42.18 -23.40 7.14
CA GLU C 238 42.52 -24.46 6.15
C GLU C 238 41.32 -25.14 5.49
N ASN C 239 40.12 -24.64 5.77
CA ASN C 239 38.93 -25.33 5.33
C ASN C 239 38.77 -25.36 3.83
N LYS C 240 38.27 -26.49 3.35
CA LYS C 240 37.94 -26.72 1.95
C LYS C 240 36.42 -26.80 1.82
N VAL C 241 35.85 -25.96 0.98
CA VAL C 241 34.39 -25.91 0.82
C VAL C 241 34.08 -26.12 -0.67
N TYR C 242 33.37 -27.21 -0.95
CA TYR C 242 33.11 -27.64 -2.31
C TYR C 242 32.07 -26.71 -2.93
N SER C 243 31.02 -26.38 -2.15
CA SER C 243 30.02 -25.44 -2.66
C SER C 243 29.19 -24.84 -1.56
N LEU C 244 28.56 -23.68 -1.85
CA LEU C 244 27.59 -23.06 -0.93
C LEU C 244 26.48 -22.45 -1.79
N ARG C 245 25.25 -22.54 -1.32
CA ARG C 245 24.10 -21.89 -1.98
C ARG C 245 23.35 -21.08 -0.94
N ALA C 246 22.79 -19.96 -1.40
CA ALA C 246 22.08 -19.02 -0.50
C ALA C 246 20.85 -18.40 -1.23
N ASP C 247 19.84 -18.06 -0.44
CA ASP C 247 18.68 -17.29 -0.95
C ASP C 247 18.79 -15.88 -0.35
N TYR C 248 18.26 -14.86 -1.04
CA TYR C 248 18.31 -13.52 -0.51
C TYR C 248 16.94 -12.89 -0.39
N ILE C 249 16.85 -11.97 0.56
CA ILE C 249 15.65 -11.17 0.76
C ILE C 249 16.14 -9.72 0.88
N ALA C 250 15.71 -8.87 -0.03
CA ALA C 250 16.11 -7.48 -0.01
C ALA C 250 14.85 -6.62 0.21
N THR C 251 14.95 -5.64 1.10
CA THR C 251 13.81 -4.79 1.42
C THR C 251 14.26 -3.33 1.49
N ALA C 252 13.49 -2.47 0.81
CA ALA C 252 13.70 -1.02 0.84
C ALA C 252 12.47 -0.39 1.55
N LEU C 253 12.72 0.69 2.27
CA LEU C 253 11.69 1.32 3.08
C LEU C 253 11.36 2.71 2.52
N GLU C 254 10.08 3.06 2.63
CA GLU C 254 9.57 4.40 2.29
C GLU C 254 9.95 4.82 0.87
#